data_6XMP
#
_entry.id   6XMP
#
_cell.length_a   1.00
_cell.length_b   1.00
_cell.length_c   1.00
_cell.angle_alpha   90.00
_cell.angle_beta   90.00
_cell.angle_gamma   90.00
#
_symmetry.space_group_name_H-M   'P 1'
#
loop_
_entity.id
_entity.type
_entity.pdbx_description
1 polymer 'P5A-type ATPase'
2 non-polymer DODECYL-BETA-D-MALTOSIDE
#
_entity_poly.entity_id   1
_entity_poly.type   'polypeptide(L)'
_entity_poly.pdbx_seq_one_letter_code
;MTKKSFVSSPIVRDSTLLVPKSLIAKPYVLPFFPLYATFAQLYFQQYDRYIKGPEWTFVYLGTLVSLNILVMLMPAWNVK
IKAKFNYSTTKNVNEATHILIYTTPNNGSDGIVEIQRVTEAGSLQTFFQFQKKRFLWHENEQVFSSPKFLVDESPKIGDF
QKCKGHSGDLTHLKRLYGENSFDIPIPTFMELFKEHAVAPLFVFQVFCVALWLLDEFWYYSLFNLFMIISMEAAAVFQRL
TALKEFRTMGIKPYTINVFRNKKWVALQTNELLPMDLVSITRTAEESAIPCDLILLDGSAIVNEAMLSGESTPLLKESIK
LRPSEDNLQLDGVDKIAVLHGGTKALQVTPPEHKSDIPPPPDGGALAIVTKTGFETSQGSLVRVMIYSAERVSVDNKEAL
MFILFLLIFAVIASWYVWVEGTKMGRIQSKLILDCILIITSVVPPELPMELTMAVNSSLAALAKFYVYCTEPFRIPFAGR
IDVCCFDKTGTLTGEDLVFEGLAGISADSENIRHLYSAAEAPESTILVIGAAHALVKLEDGDIVGDPMEKATLKAVGWAV
ERKNSNYREGTGKLDIIRRFQFSSALKRSASIASHNDALFAAVKGAPETIRERLSDIPKNYDEIYKSFTRSGSRVLALAS
KSLPKMSQSKIDDLNRDDVESELTFNGFLIFHCPLKDDAIETIKMLNESSHRSIMITGDNPLTAVHVAKEVGIVFGETLI
LDRAGKSDDNQLLFRDVEETVSIPFDPSKDTFDHSKLFDRYDIAVTGYALNALEGHSQLRDLLRHTWVYARVSPSQKEFL
LNTLKDMGYQTLMCGDGTNDVGALKQAHVGIALLNGTEEGLKKLGEQRRLEGMKMMYIKQTEFMARWNQPQPPVPEPIAH
LFPPGPKNPHYLKALESKGTVITPEIRKAVEEANSKPVEVIKPNGLSEKKPADLASLLLNSAGDAQGDEAPALKLGDASC
AAPFTSKLANVSAVTNIIRQGRCALVNTIQMYKILALNCLISAYSLSIIYMAGVKFGDGQATVSGLLLSVCFLSISRGKP
LEKLSKQRPQSGIFNVYIMGSILSQFAVHIATLVYITTEIYKLEPREPQVDLEKEFAPSLLNTGIFIIQLVQQVSTFAVN
YQGEPFRENIRSNKGMYYGLLGVTGLALASATEFLPELNEAMKFVPMTDDFKIKLTLTLLLDFFGSWGVEHFFKFFFMDD
KPSDISVQQVKIASKGATGGSTAGGATTASGTGENLYFQ
;
_entity_poly.pdbx_strand_id   A
#
loop_
_chem_comp.id
_chem_comp.type
_chem_comp.name
_chem_comp.formula
LMT D-saccharide DODECYL-BETA-D-MALTOSIDE 'C24 H46 O11'
#
# COMPACT_ATOMS: atom_id res chain seq x y z
N LYS A 4 9.61 39.13 6.77
CA LYS A 4 8.54 39.28 7.74
C LYS A 4 8.20 37.95 8.41
N SER A 5 7.18 37.28 7.90
CA SER A 5 6.72 36.01 8.44
C SER A 5 7.11 34.88 7.49
N PHE A 6 7.57 33.77 8.05
CA PHE A 6 7.99 32.64 7.24
C PHE A 6 7.94 31.39 8.10
N VAL A 7 8.08 30.24 7.44
CA VAL A 7 8.12 28.94 8.11
C VAL A 7 9.25 28.12 7.51
N SER A 8 10.15 27.64 8.36
CA SER A 8 11.29 26.82 7.98
C SER A 8 11.04 25.39 8.40
N SER A 9 10.69 24.53 7.46
CA SER A 9 10.45 23.11 7.73
C SER A 9 10.47 22.36 6.42
N PRO A 10 10.85 21.08 6.42
CA PRO A 10 10.85 20.31 5.17
C PRO A 10 9.47 20.16 4.54
N ILE A 11 8.41 20.40 5.30
CA ILE A 11 7.06 20.26 4.74
C ILE A 11 6.67 21.51 3.97
N VAL A 12 6.97 22.68 4.51
CA VAL A 12 6.48 23.94 3.95
C VAL A 12 7.38 24.38 2.81
N ARG A 13 6.76 24.96 1.78
CA ARG A 13 7.47 25.56 0.66
C ARG A 13 7.40 27.09 0.68
N ASP A 14 6.19 27.64 0.85
CA ASP A 14 6.01 29.09 0.90
C ASP A 14 4.84 29.39 1.83
N SER A 15 4.78 30.63 2.32
CA SER A 15 3.76 30.99 3.28
C SER A 15 3.54 32.49 3.27
N THR A 16 2.29 32.89 3.43
CA THR A 16 1.91 34.30 3.55
C THR A 16 0.89 34.43 4.67
N LEU A 17 0.94 35.55 5.39
CA LEU A 17 -0.02 35.80 6.45
C LEU A 17 -1.33 36.32 5.88
N LEU A 18 -2.40 36.16 6.66
CA LEU A 18 -3.73 36.58 6.26
C LEU A 18 -4.40 37.35 7.38
N VAL A 19 -5.42 38.11 7.02
CA VAL A 19 -6.23 38.86 7.98
C VAL A 19 -7.68 38.75 7.53
N PRO A 20 -8.65 38.61 8.43
CA PRO A 20 -10.04 38.48 8.00
C PRO A 20 -10.61 39.81 7.51
N LYS A 21 -11.42 39.72 6.45
CA LYS A 21 -12.08 40.87 5.85
C LYS A 21 -13.53 40.89 6.28
N SER A 22 -14.07 42.09 6.46
CA SER A 22 -15.45 42.24 6.86
C SER A 22 -16.39 41.75 5.76
N LEU A 23 -17.64 41.47 6.15
CA LEU A 23 -18.62 40.96 5.21
C LEU A 23 -18.95 41.98 4.12
N ILE A 24 -18.72 43.26 4.38
CA ILE A 24 -19.04 44.29 3.41
C ILE A 24 -18.17 44.15 2.16
N ALA A 25 -16.87 43.92 2.34
CA ALA A 25 -15.93 43.93 1.24
C ALA A 25 -15.76 42.58 0.57
N LYS A 26 -16.52 41.56 0.97
CA LYS A 26 -16.39 40.26 0.36
C LYS A 26 -16.84 40.32 -1.10
N PRO A 27 -16.34 39.42 -1.96
CA PRO A 27 -16.64 39.54 -3.39
C PRO A 27 -18.03 39.09 -3.78
N TYR A 28 -18.74 38.35 -2.94
CA TYR A 28 -20.06 37.84 -3.29
C TYR A 28 -21.21 38.63 -2.70
N VAL A 29 -20.94 39.76 -2.04
CA VAL A 29 -21.99 40.58 -1.44
C VAL A 29 -22.12 41.90 -2.17
N LEU A 30 -21.04 42.70 -2.16
CA LEU A 30 -21.15 44.07 -2.67
C LEU A 30 -21.28 44.13 -4.18
N PRO A 31 -20.46 43.46 -5.00
CA PRO A 31 -20.57 43.65 -6.45
C PRO A 31 -21.88 43.19 -7.05
N PHE A 32 -22.72 42.48 -6.30
CA PHE A 32 -23.96 41.96 -6.87
C PHE A 32 -25.18 42.84 -6.60
N PHE A 33 -25.12 43.72 -5.60
CA PHE A 33 -26.24 44.63 -5.36
C PHE A 33 -26.52 45.56 -6.54
N PRO A 34 -25.53 46.14 -7.23
CA PRO A 34 -25.86 46.93 -8.42
C PRO A 34 -26.60 46.13 -9.50
N LEU A 35 -26.22 44.86 -9.71
CA LEU A 35 -26.89 44.06 -10.71
C LEU A 35 -28.33 43.75 -10.30
N TYR A 36 -28.56 43.49 -9.01
CA TYR A 36 -29.92 43.26 -8.54
C TYR A 36 -30.77 44.52 -8.66
N ALA A 37 -30.17 45.69 -8.37
CA ALA A 37 -30.91 46.94 -8.53
C ALA A 37 -31.24 47.20 -10.01
N THR A 38 -30.30 46.92 -10.90
CA THR A 38 -30.57 47.08 -12.33
C THR A 38 -31.67 46.14 -12.78
N PHE A 39 -31.66 44.90 -12.29
CA PHE A 39 -32.71 43.95 -12.64
C PHE A 39 -34.07 44.40 -12.12
N ALA A 40 -34.11 44.92 -10.90
CA ALA A 40 -35.37 45.40 -10.34
C ALA A 40 -35.88 46.61 -11.11
N GLN A 41 -34.97 47.48 -11.56
CA GLN A 41 -35.39 48.65 -12.35
C GLN A 41 -35.90 48.23 -13.72
N LEU A 42 -35.21 47.29 -14.37
CA LEU A 42 -35.66 46.84 -15.68
C LEU A 42 -36.98 46.07 -15.60
N TYR A 43 -37.19 45.34 -14.51
CA TYR A 43 -38.44 44.61 -14.35
C TYR A 43 -39.62 45.54 -14.15
N PHE A 44 -39.40 46.68 -13.49
CA PHE A 44 -40.45 47.66 -13.29
C PHE A 44 -40.22 48.90 -14.15
N GLU A 55 -41.75 35.79 -18.71
CA GLU A 55 -41.40 35.93 -20.12
C GLU A 55 -39.95 35.57 -20.36
N TRP A 56 -39.24 36.41 -21.11
CA TRP A 56 -37.83 36.18 -21.42
C TRP A 56 -36.89 36.69 -20.33
N THR A 57 -37.40 37.47 -19.38
CA THR A 57 -36.55 38.08 -18.37
C THR A 57 -36.32 37.19 -17.15
N PHE A 58 -37.10 36.11 -17.00
CA PHE A 58 -36.95 35.28 -15.82
C PHE A 58 -35.69 34.42 -15.87
N VAL A 59 -35.26 34.03 -17.07
CA VAL A 59 -34.02 33.29 -17.19
C VAL A 59 -32.84 34.14 -16.74
N TYR A 60 -32.97 35.47 -16.82
CA TYR A 60 -31.90 36.34 -16.35
C TYR A 60 -31.77 36.28 -14.83
N LEU A 61 -32.89 36.35 -14.12
CA LEU A 61 -32.85 36.18 -12.66
C LEU A 61 -32.34 34.80 -12.30
N GLY A 62 -32.74 33.78 -13.07
CA GLY A 62 -32.26 32.44 -12.81
C GLY A 62 -30.74 32.34 -12.90
N THR A 63 -30.17 32.82 -14.01
CA THR A 63 -28.72 32.73 -14.17
C THR A 63 -27.99 33.65 -13.21
N LEU A 64 -28.60 34.77 -12.80
CA LEU A 64 -27.96 35.63 -11.81
C LEU A 64 -27.86 34.92 -10.46
N VAL A 65 -28.95 34.30 -10.01
CA VAL A 65 -28.91 33.54 -8.76
C VAL A 65 -27.91 32.40 -8.88
N SER A 66 -27.85 31.75 -10.05
CA SER A 66 -26.91 30.65 -10.22
C SER A 66 -25.47 31.13 -10.10
N LEU A 67 -25.13 32.23 -10.76
CA LEU A 67 -23.77 32.74 -10.68
C LEU A 67 -23.44 33.21 -9.27
N ASN A 68 -24.41 33.79 -8.56
CA ASN A 68 -24.15 34.23 -7.20
C ASN A 68 -23.88 33.04 -6.29
N ILE A 69 -24.69 32.00 -6.38
CA ILE A 69 -24.45 30.83 -5.52
C ILE A 69 -23.16 30.14 -5.91
N LEU A 70 -22.77 30.20 -7.18
CA LEU A 70 -21.50 29.59 -7.58
C LEU A 70 -20.32 30.38 -7.03
N VAL A 71 -20.40 31.72 -7.06
CA VAL A 71 -19.33 32.51 -6.45
C VAL A 71 -19.27 32.29 -4.95
N MET A 72 -20.42 32.08 -4.31
CA MET A 72 -20.41 31.83 -2.87
C MET A 72 -19.85 30.46 -2.54
N LEU A 73 -20.03 29.47 -3.41
CA LEU A 73 -19.52 28.14 -3.16
C LEU A 73 -18.08 27.96 -3.60
N MET A 74 -17.57 28.82 -4.48
CA MET A 74 -16.23 28.63 -5.02
C MET A 74 -15.12 28.65 -3.97
N PRO A 75 -15.13 29.48 -2.93
CA PRO A 75 -14.00 29.47 -1.98
C PRO A 75 -13.74 28.12 -1.34
N ALA A 76 -14.75 27.26 -1.22
CA ALA A 76 -14.55 25.98 -0.55
C ALA A 76 -13.90 24.95 -1.45
N TRP A 77 -13.94 25.14 -2.77
CA TRP A 77 -13.38 24.15 -3.69
C TRP A 77 -11.86 24.20 -3.70
N ASN A 78 -11.29 25.38 -3.88
CA ASN A 78 -9.85 25.56 -3.95
C ASN A 78 -9.40 26.46 -2.81
N VAL A 79 -8.18 26.22 -2.31
CA VAL A 79 -7.69 26.96 -1.15
C VAL A 79 -7.16 28.33 -1.57
N LYS A 80 -6.52 28.44 -2.73
CA LYS A 80 -6.02 29.73 -3.18
C LYS A 80 -7.15 30.71 -3.45
N ILE A 81 -8.25 30.23 -4.03
CA ILE A 81 -9.42 31.08 -4.23
C ILE A 81 -9.95 31.56 -2.89
N LYS A 82 -9.93 30.69 -1.88
CA LYS A 82 -10.37 31.08 -0.55
C LYS A 82 -9.48 32.17 0.02
N ALA A 83 -8.16 31.99 -0.10
CA ALA A 83 -7.22 32.99 0.43
C ALA A 83 -7.35 34.31 -0.31
N LYS A 84 -7.74 34.29 -1.57
CA LYS A 84 -7.87 35.54 -2.31
C LYS A 84 -9.20 36.23 -2.03
N PHE A 85 -10.27 35.46 -1.84
CA PHE A 85 -11.58 36.05 -1.60
C PHE A 85 -11.73 36.53 -0.17
N ASN A 86 -11.59 35.62 0.80
CA ASN A 86 -11.99 35.93 2.17
C ASN A 86 -10.98 36.81 2.89
N TYR A 87 -9.69 36.57 2.69
CA TYR A 87 -8.65 37.25 3.44
C TYR A 87 -7.77 38.10 2.53
N SER A 88 -7.14 39.12 3.13
CA SER A 88 -6.20 39.98 2.44
C SER A 88 -4.83 39.82 3.09
N THR A 89 -3.80 39.62 2.27
CA THR A 89 -2.48 39.31 2.80
C THR A 89 -1.90 40.51 3.54
N THR A 90 -1.17 40.22 4.61
CA THR A 90 -0.49 41.23 5.40
C THR A 90 0.90 40.73 5.76
N LYS A 91 1.78 41.66 6.15
CA LYS A 91 3.16 41.33 6.47
C LYS A 91 3.56 41.73 7.88
N ASN A 92 2.59 41.83 8.79
CA ASN A 92 2.85 42.05 10.21
C ASN A 92 2.47 40.81 10.98
N VAL A 93 3.40 40.28 11.78
CA VAL A 93 3.18 38.99 12.41
C VAL A 93 2.24 39.11 13.60
N ASN A 94 2.22 40.26 14.28
CA ASN A 94 1.39 40.40 15.47
C ASN A 94 -0.09 40.48 15.13
N GLU A 95 -0.44 41.20 14.06
CA GLU A 95 -1.84 41.47 13.77
C GLU A 95 -2.53 40.31 13.05
N ALA A 96 -1.78 39.51 12.30
CA ALA A 96 -2.40 38.46 11.50
C ALA A 96 -3.04 37.40 12.39
N THR A 97 -4.23 36.97 12.01
CA THR A 97 -4.95 35.93 12.73
C THR A 97 -5.17 34.67 11.91
N HIS A 98 -4.49 34.55 10.78
CA HIS A 98 -4.54 33.33 9.98
C HIS A 98 -3.29 33.29 9.12
N ILE A 99 -2.94 32.09 8.65
CA ILE A 99 -1.75 31.90 7.85
C ILE A 99 -1.99 30.77 6.86
N LEU A 100 -1.40 30.91 5.67
CA LEU A 100 -1.51 29.94 4.59
C LEU A 100 -0.20 29.19 4.45
N ILE A 101 -0.29 27.89 4.16
CA ILE A 101 0.87 27.02 4.10
C ILE A 101 0.89 26.34 2.74
N TYR A 102 1.92 26.62 1.94
CA TYR A 102 2.15 25.92 0.68
C TYR A 102 3.03 24.70 0.96
N THR A 103 2.50 23.51 0.72
CA THR A 103 3.21 22.30 1.08
C THR A 103 4.20 21.89 0.00
N THR A 104 5.17 21.08 0.42
CA THR A 104 6.08 20.45 -0.52
C THR A 104 5.32 19.46 -1.39
N PRO A 105 5.62 19.39 -2.69
CA PRO A 105 4.82 18.58 -3.61
C PRO A 105 4.69 17.11 -3.23
N ASN A 106 5.48 16.61 -2.27
CA ASN A 106 5.38 15.22 -1.86
C ASN A 106 4.72 15.03 -0.49
N ASN A 107 4.34 16.10 0.19
CA ASN A 107 3.76 16.03 1.52
C ASN A 107 2.39 16.71 1.50
N GLY A 108 1.34 15.91 1.58
CA GLY A 108 -0.03 16.38 1.75
C GLY A 108 -0.43 17.42 0.73
N SER A 109 -1.27 18.35 1.17
CA SER A 109 -1.80 19.39 0.30
C SER A 109 -1.90 20.69 1.08
N ASP A 110 -2.15 21.79 0.35
CA ASP A 110 -2.22 23.10 0.96
C ASP A 110 -3.36 23.17 1.98
N GLY A 111 -3.30 24.19 2.82
CA GLY A 111 -4.35 24.37 3.81
C GLY A 111 -4.20 25.70 4.52
N ILE A 112 -5.28 26.09 5.20
CA ILE A 112 -5.30 27.28 6.05
C ILE A 112 -5.34 26.81 7.49
N VAL A 113 -4.44 27.34 8.32
CA VAL A 113 -4.37 26.97 9.73
C VAL A 113 -4.42 28.23 10.57
N GLU A 114 -5.05 28.14 11.73
CA GLU A 114 -5.30 29.30 12.58
C GLU A 114 -4.14 29.53 13.54
N ILE A 115 -3.85 30.80 13.79
CA ILE A 115 -2.80 31.21 14.71
C ILE A 115 -3.43 31.51 16.06
N GLN A 116 -2.91 30.90 17.11
CA GLN A 116 -3.40 31.08 18.47
C GLN A 116 -2.37 31.81 19.32
N ARG A 117 -2.85 32.50 20.34
CA ARG A 117 -1.99 33.26 21.23
C ARG A 117 -2.40 33.03 22.68
N VAL A 118 -1.41 32.93 23.56
CA VAL A 118 -1.65 32.77 24.99
C VAL A 118 -0.41 33.25 25.73
N THR A 119 -0.62 33.89 26.87
CA THR A 119 0.45 34.49 27.65
C THR A 119 0.96 33.47 28.68
N GLU A 120 2.28 33.31 28.74
CA GLU A 120 2.92 32.40 29.68
C GLU A 120 4.18 33.05 30.23
N ALA A 121 4.30 33.07 31.55
CA ALA A 121 5.46 33.61 32.25
C ALA A 121 5.73 35.07 31.87
N GLY A 122 4.66 35.81 31.58
CA GLY A 122 4.80 37.22 31.24
C GLY A 122 5.19 37.50 29.81
N SER A 123 5.19 36.49 28.94
CA SER A 123 5.50 36.67 27.53
C SER A 123 4.55 35.85 26.69
N LEU A 124 4.01 36.45 25.63
CA LEU A 124 3.10 35.74 24.74
C LEU A 124 3.90 34.92 23.73
N GLN A 125 3.36 33.75 23.39
CA GLN A 125 4.02 32.83 22.46
C GLN A 125 3.05 32.49 21.34
N THR A 126 3.41 32.86 20.12
CA THR A 126 2.58 32.65 18.95
C THR A 126 2.85 31.27 18.38
N PHE A 127 1.82 30.42 18.32
CA PHE A 127 2.01 29.06 17.85
C PHE A 127 0.76 28.57 17.13
N PHE A 128 0.96 27.64 16.20
CA PHE A 128 -0.14 26.99 15.50
C PHE A 128 0.25 25.53 15.27
N GLN A 129 -0.65 24.79 14.62
CA GLN A 129 -0.47 23.35 14.44
C GLN A 129 -0.90 22.96 13.04
N PHE A 130 0.03 22.44 12.25
CA PHE A 130 -0.21 22.02 10.87
C PHE A 130 0.14 20.55 10.73
N GLN A 131 -0.85 19.74 10.34
CA GLN A 131 -0.68 18.29 10.20
C GLN A 131 -0.17 17.66 11.49
N LYS A 132 -0.71 18.11 12.62
CA LYS A 132 -0.35 17.61 13.94
C LYS A 132 1.15 17.75 14.21
N LYS A 133 1.80 18.71 13.57
CA LYS A 133 3.21 18.99 13.76
C LYS A 133 3.34 20.40 14.31
N ARG A 134 3.76 20.52 15.57
CA ARG A 134 3.73 21.79 16.26
C ARG A 134 4.64 22.82 15.59
N PHE A 135 4.41 24.08 15.93
CA PHE A 135 5.29 25.17 15.54
C PHE A 135 5.36 26.15 16.71
N LEU A 136 6.29 27.10 16.62
CA LEU A 136 6.40 28.14 17.63
C LEU A 136 6.92 29.40 16.95
N TRP A 137 7.03 30.47 17.73
CA TRP A 137 7.48 31.77 17.23
C TRP A 137 8.81 32.11 17.91
N HIS A 138 9.89 31.99 17.16
CA HIS A 138 11.22 32.37 17.66
C HIS A 138 11.44 33.84 17.35
N GLU A 139 11.55 34.66 18.40
CA GLU A 139 11.60 36.11 18.21
C GLU A 139 12.85 36.53 17.46
N ASN A 140 14.00 35.95 17.78
CA ASN A 140 15.25 36.39 17.19
C ASN A 140 15.33 36.03 15.71
N GLU A 141 14.78 34.89 15.31
CA GLU A 141 14.81 34.49 13.91
C GLU A 141 13.58 34.93 13.13
N GLN A 142 12.51 35.32 13.83
CA GLN A 142 11.28 35.81 13.21
C GLN A 142 10.64 34.79 12.29
N VAL A 143 10.90 33.50 12.50
CA VAL A 143 10.41 32.45 11.63
C VAL A 143 9.84 31.32 12.47
N PHE A 144 8.70 30.79 12.06
CA PHE A 144 8.11 29.63 12.72
C PHE A 144 8.95 28.40 12.42
N SER A 145 9.27 27.62 13.45
CA SER A 145 10.11 26.44 13.30
C SER A 145 9.58 25.30 14.15
N SER A 146 9.62 24.09 13.58
CA SER A 146 9.23 22.91 14.32
C SER A 146 10.22 22.64 15.45
N PRO A 147 9.76 22.09 16.57
CA PRO A 147 10.69 21.81 17.68
C PRO A 147 11.67 20.72 17.30
N LYS A 148 12.95 20.95 17.64
CA LYS A 148 14.04 20.07 17.26
C LYS A 148 14.54 19.31 18.48
N PHE A 149 14.64 18.00 18.35
CA PHE A 149 15.06 17.14 19.47
C PHE A 149 16.58 17.04 19.52
N LEU A 150 17.08 16.75 20.72
CA LEU A 150 18.53 16.73 20.95
C LEU A 150 19.17 15.52 20.28
N VAL A 151 18.42 14.43 20.11
CA VAL A 151 19.00 13.21 19.57
C VAL A 151 19.43 13.41 18.12
N ASP A 152 18.59 14.05 17.32
CA ASP A 152 18.79 14.04 15.87
C ASP A 152 19.95 14.93 15.45
N GLU A 153 20.04 16.14 16.01
CA GLU A 153 20.96 17.14 15.46
C GLU A 153 22.41 16.78 15.76
N SER A 154 22.78 16.64 17.02
CA SER A 154 24.18 16.43 17.37
C SER A 154 24.30 15.72 18.72
N PRO A 155 24.07 14.41 18.75
CA PRO A 155 24.11 13.70 20.03
C PRO A 155 25.53 13.54 20.55
N LYS A 156 25.67 13.62 21.87
CA LYS A 156 26.93 13.34 22.55
C LYS A 156 26.65 12.35 23.67
N ILE A 157 27.38 11.23 23.68
CA ILE A 157 27.07 10.14 24.59
C ILE A 157 27.30 10.54 26.05
N GLY A 158 28.08 11.57 26.31
CA GLY A 158 28.23 12.05 27.68
C GLY A 158 27.03 12.85 28.16
N ASP A 159 26.36 13.54 27.24
CA ASP A 159 25.22 14.37 27.62
C ASP A 159 24.08 13.52 28.16
N PHE A 160 23.85 12.34 27.56
CA PHE A 160 22.80 11.47 28.05
C PHE A 160 23.14 10.87 29.41
N GLN A 161 24.43 10.72 29.72
CA GLN A 161 24.82 10.18 31.02
C GLN A 161 24.71 11.23 32.11
N LYS A 162 25.20 12.44 31.85
CA LYS A 162 25.19 13.47 32.90
C LYS A 162 23.80 13.98 33.23
N CYS A 163 22.79 13.65 32.43
CA CYS A 163 21.45 14.15 32.69
C CYS A 163 20.89 13.58 33.98
N LYS A 164 20.11 14.40 34.68
CA LYS A 164 19.50 14.00 35.94
C LYS A 164 17.99 14.23 35.95
N GLY A 165 17.38 14.36 34.78
CA GLY A 165 15.94 14.51 34.67
C GLY A 165 15.49 15.95 34.84
N HIS A 166 14.22 16.18 34.52
CA HIS A 166 13.65 17.51 34.58
C HIS A 166 13.39 17.93 36.02
N SER A 167 13.56 19.22 36.29
CA SER A 167 13.31 19.78 37.61
C SER A 167 12.75 21.19 37.46
N GLY A 168 11.95 21.59 38.44
CA GLY A 168 11.34 22.90 38.41
C GLY A 168 9.99 22.88 37.71
N ASP A 169 9.59 24.07 37.23
CA ASP A 169 8.31 24.26 36.56
C ASP A 169 8.54 24.18 35.05
N LEU A 170 8.05 23.12 34.44
CA LEU A 170 8.24 22.86 33.01
C LEU A 170 7.02 23.28 32.19
N THR A 171 6.74 24.58 32.19
CA THR A 171 5.64 25.07 31.36
C THR A 171 6.09 25.32 29.92
N HIS A 172 7.28 25.89 29.74
CA HIS A 172 7.77 26.15 28.39
C HIS A 172 8.02 24.85 27.64
N LEU A 173 8.51 23.81 28.33
CA LEU A 173 8.68 22.52 27.69
C LEU A 173 7.32 21.93 27.31
N LYS A 174 6.33 22.06 28.19
CA LYS A 174 4.99 21.59 27.87
C LYS A 174 4.43 22.31 26.66
N ARG A 175 4.79 23.58 26.47
CA ARG A 175 4.32 24.30 25.29
C ARG A 175 5.09 23.88 24.05
N LEU A 176 6.38 23.60 24.18
CA LEU A 176 7.21 23.34 23.01
C LEU A 176 6.97 21.95 22.46
N TYR A 177 7.01 20.92 23.32
CA TYR A 177 6.96 19.54 22.86
C TYR A 177 5.56 18.95 22.85
N GLY A 178 4.70 19.33 23.79
CA GLY A 178 3.33 18.85 23.82
C GLY A 178 3.15 17.57 24.59
N GLU A 179 1.91 17.10 24.60
CA GLU A 179 1.56 15.89 25.34
C GLU A 179 1.99 14.65 24.57
N ASN A 180 2.50 13.67 25.31
CA ASN A 180 3.04 12.43 24.73
C ASN A 180 1.90 11.45 24.47
N SER A 181 1.13 11.74 23.43
CA SER A 181 0.03 10.86 23.04
C SER A 181 -0.40 11.19 21.62
N PHE A 182 -0.94 10.18 20.95
CA PHE A 182 -1.53 10.39 19.64
C PHE A 182 -2.80 11.21 19.77
N ASP A 183 -3.00 12.14 18.84
CA ASP A 183 -4.12 13.08 18.90
C ASP A 183 -4.86 13.00 17.56
N ILE A 184 -5.81 12.09 17.45
CA ILE A 184 -6.66 11.93 16.28
C ILE A 184 -8.10 12.16 16.71
N PRO A 185 -8.67 13.33 16.46
CA PRO A 185 -10.07 13.56 16.84
C PRO A 185 -11.04 13.08 15.79
N ILE A 186 -11.98 12.23 16.17
CA ILE A 186 -13.00 11.73 15.27
C ILE A 186 -14.16 12.73 15.25
N PRO A 187 -14.45 13.36 14.12
CA PRO A 187 -15.53 14.34 14.08
C PRO A 187 -16.89 13.67 14.03
N THR A 188 -17.89 14.38 14.52
CA THR A 188 -19.26 13.88 14.49
C THR A 188 -19.72 13.72 13.05
N PHE A 189 -20.82 12.96 12.88
CA PHE A 189 -21.33 12.69 11.54
C PHE A 189 -21.72 13.97 10.82
N MET A 190 -22.36 14.91 11.53
CA MET A 190 -22.83 16.13 10.89
C MET A 190 -21.68 16.99 10.40
N GLU A 191 -20.60 17.06 11.18
CA GLU A 191 -19.48 17.90 10.79
C GLU A 191 -18.83 17.36 9.50
N LEU A 192 -18.82 16.04 9.34
CA LEU A 192 -18.24 15.47 8.13
C LEU A 192 -19.19 15.59 6.94
N PHE A 193 -20.49 15.42 7.17
CA PHE A 193 -21.44 15.55 6.07
C PHE A 193 -21.51 16.99 5.57
N LYS A 194 -21.32 17.95 6.47
CA LYS A 194 -21.31 19.35 6.06
C LYS A 194 -20.19 19.61 5.06
N GLU A 195 -19.03 18.98 5.26
CA GLU A 195 -17.94 19.14 4.31
C GLU A 195 -18.20 18.35 3.03
N HIS A 196 -18.76 17.14 3.16
CA HIS A 196 -19.01 16.32 1.99
C HIS A 196 -20.03 16.95 1.06
N ALA A 197 -20.97 17.73 1.61
CA ALA A 197 -22.01 18.34 0.80
C ALA A 197 -21.45 19.40 -0.14
N VAL A 198 -20.46 20.16 0.31
CA VAL A 198 -19.98 21.29 -0.47
C VAL A 198 -19.17 20.81 -1.67
N ALA A 199 -18.68 19.57 -1.63
CA ALA A 199 -17.88 18.97 -2.69
C ALA A 199 -18.47 19.21 -4.07
N PRO A 200 -17.64 19.34 -5.11
CA PRO A 200 -18.18 19.71 -6.43
C PRO A 200 -19.08 18.65 -7.03
N LEU A 201 -18.80 17.38 -6.80
CA LEU A 201 -19.63 16.32 -7.39
C LEU A 201 -21.05 16.35 -6.83
N PHE A 202 -21.17 16.44 -5.51
CA PHE A 202 -22.49 16.48 -4.89
C PHE A 202 -23.25 17.74 -5.29
N VAL A 203 -22.56 18.87 -5.38
CA VAL A 203 -23.23 20.11 -5.79
C VAL A 203 -23.73 20.00 -7.22
N PHE A 204 -22.90 19.43 -8.10
CA PHE A 204 -23.34 19.24 -9.49
C PHE A 204 -24.53 18.31 -9.57
N GLN A 205 -24.55 17.25 -8.78
CA GLN A 205 -25.67 16.32 -8.82
C GLN A 205 -26.95 16.95 -8.28
N VAL A 206 -26.84 17.75 -7.22
CA VAL A 206 -28.02 18.43 -6.70
C VAL A 206 -28.52 19.48 -7.69
N PHE A 207 -27.61 20.14 -8.43
CA PHE A 207 -28.05 21.07 -9.46
C PHE A 207 -28.76 20.33 -10.59
N CYS A 208 -28.25 19.17 -10.98
CA CYS A 208 -28.92 18.36 -12.00
C CYS A 208 -30.30 17.95 -11.54
N VAL A 209 -30.47 17.65 -10.26
CA VAL A 209 -31.79 17.30 -9.74
C VAL A 209 -32.70 18.53 -9.75
N ALA A 210 -32.16 19.69 -9.40
CA ALA A 210 -32.98 20.91 -9.40
C ALA A 210 -33.47 21.24 -10.79
N LEU A 211 -32.68 20.95 -11.82
CA LEU A 211 -33.15 21.16 -13.19
C LEU A 211 -34.34 20.28 -13.51
N TRP A 212 -34.27 18.99 -13.15
CA TRP A 212 -35.40 18.10 -13.41
C TRP A 212 -36.63 18.55 -12.64
N LEU A 213 -36.45 19.08 -11.43
CA LEU A 213 -37.58 19.67 -10.72
C LEU A 213 -38.16 20.84 -11.51
N LEU A 214 -37.29 21.69 -12.08
CA LEU A 214 -37.80 22.81 -12.86
C LEU A 214 -38.51 22.35 -14.12
N ASP A 215 -38.22 21.15 -14.61
CA ASP A 215 -38.88 20.62 -15.79
C ASP A 215 -40.12 19.79 -15.45
N GLU A 216 -40.66 19.95 -14.24
CA GLU A 216 -41.90 19.28 -13.83
C GLU A 216 -41.75 17.76 -13.80
N PHE A 217 -40.62 17.27 -13.30
CA PHE A 217 -40.41 15.86 -13.01
C PHE A 217 -40.32 15.70 -11.50
N TRP A 218 -41.39 15.18 -10.88
CA TRP A 218 -41.45 15.13 -9.42
C TRP A 218 -40.93 13.82 -8.85
N TYR A 219 -41.54 12.70 -9.21
CA TYR A 219 -41.14 11.43 -8.60
C TYR A 219 -39.73 11.03 -9.02
N TYR A 220 -39.38 11.27 -10.28
CA TYR A 220 -38.03 10.97 -10.76
C TYR A 220 -36.99 11.73 -9.96
N SER A 221 -37.17 13.04 -9.83
CA SER A 221 -36.21 13.86 -9.10
C SER A 221 -36.16 13.46 -7.63
N LEU A 222 -37.32 13.16 -7.04
CA LEU A 222 -37.33 12.77 -5.63
C LEU A 222 -36.56 11.49 -5.40
N PHE A 223 -36.80 10.46 -6.23
CA PHE A 223 -36.07 9.21 -6.11
C PHE A 223 -34.58 9.43 -6.32
N ASN A 224 -34.20 10.24 -7.30
CA ASN A 224 -32.79 10.49 -7.55
C ASN A 224 -32.13 11.17 -6.36
N LEU A 225 -32.80 12.18 -5.79
CA LEU A 225 -32.24 12.87 -4.64
C LEU A 225 -32.09 11.95 -3.44
N PHE A 226 -33.08 11.08 -3.21
CA PHE A 226 -32.99 10.13 -2.12
C PHE A 226 -31.81 9.18 -2.31
N MET A 227 -31.61 8.71 -3.53
CA MET A 227 -30.47 7.83 -3.79
C MET A 227 -29.15 8.56 -3.56
N ILE A 228 -29.05 9.82 -3.98
CA ILE A 228 -27.82 10.59 -3.79
C ILE A 228 -27.52 10.75 -2.29
N ILE A 229 -28.54 11.13 -1.52
CA ILE A 229 -28.34 11.32 -0.08
C ILE A 229 -27.92 10.00 0.57
N SER A 230 -28.52 8.89 0.14
CA SER A 230 -28.14 7.59 0.71
C SER A 230 -26.69 7.27 0.40
N MET A 231 -26.25 7.49 -0.85
CA MET A 231 -24.87 7.21 -1.20
C MET A 231 -23.90 8.06 -0.39
N GLU A 232 -24.22 9.34 -0.19
CA GLU A 232 -23.33 10.20 0.57
C GLU A 232 -23.27 9.78 2.04
N ALA A 233 -24.41 9.37 2.61
CA ALA A 233 -24.40 8.89 3.99
C ALA A 233 -23.55 7.64 4.12
N ALA A 234 -23.64 6.74 3.14
CA ALA A 234 -22.81 5.53 3.17
C ALA A 234 -21.33 5.87 3.11
N ALA A 235 -20.97 6.81 2.22
CA ALA A 235 -19.57 7.21 2.12
C ALA A 235 -19.06 7.84 3.41
N VAL A 236 -19.90 8.66 4.06
CA VAL A 236 -19.48 9.29 5.31
C VAL A 236 -19.29 8.25 6.40
N PHE A 237 -20.19 7.26 6.48
CA PHE A 237 -20.00 6.18 7.45
C PHE A 237 -18.71 5.41 7.17
N GLN A 238 -18.42 5.15 5.89
CA GLN A 238 -17.20 4.42 5.56
C GLN A 238 -15.96 5.20 5.95
N ARG A 239 -15.99 6.52 5.80
CA ARG A 239 -14.84 7.33 6.22
C ARG A 239 -14.72 7.37 7.74
N LEU A 240 -15.85 7.48 8.43
CA LEU A 240 -15.82 7.59 9.90
C LEU A 240 -15.33 6.30 10.53
N THR A 241 -15.69 5.15 9.96
CA THR A 241 -15.23 3.89 10.54
C THR A 241 -13.71 3.76 10.44
N ALA A 242 -13.13 4.27 9.35
CA ALA A 242 -11.67 4.23 9.22
C ALA A 242 -11.01 5.22 10.17
N LEU A 243 -11.59 6.43 10.30
CA LEU A 243 -11.05 7.40 11.25
C LEU A 243 -11.10 6.86 12.66
N LYS A 244 -12.12 6.07 13.00
CA LYS A 244 -12.16 5.44 14.31
C LYS A 244 -11.16 4.30 14.42
N GLU A 245 -10.94 3.58 13.31
CA GLU A 245 -9.95 2.50 13.32
C GLU A 245 -8.55 3.04 13.61
N PHE A 246 -8.20 4.19 13.04
CA PHE A 246 -6.88 4.76 13.29
C PHE A 246 -6.66 5.10 14.77
N ARG A 247 -7.72 5.19 15.56
CA ARG A 247 -7.57 5.60 16.95
C ARG A 247 -7.00 4.49 17.82
N THR A 248 -7.24 3.23 17.47
CA THR A 248 -6.84 2.12 18.34
C THR A 248 -5.34 1.88 18.34
N MET A 249 -4.59 2.47 17.41
CA MET A 249 -3.14 2.27 17.41
C MET A 249 -2.47 2.96 18.60
N GLY A 250 -3.13 3.94 19.20
CA GLY A 250 -2.54 4.61 20.35
C GLY A 250 -2.56 3.71 21.59
N ILE A 251 -1.48 3.79 22.36
CA ILE A 251 -1.38 3.00 23.58
C ILE A 251 -2.27 3.60 24.67
N LYS A 252 -2.75 2.74 25.56
CA LYS A 252 -3.59 3.24 26.64
C LYS A 252 -2.72 3.79 27.77
N PRO A 253 -3.09 4.94 28.34
CA PRO A 253 -2.28 5.53 29.41
C PRO A 253 -2.23 4.62 30.63
N TYR A 254 -1.03 4.54 31.24
CA TYR A 254 -0.82 3.77 32.45
C TYR A 254 0.28 4.42 33.25
N THR A 255 0.40 3.98 34.51
CA THR A 255 1.30 4.63 35.46
C THR A 255 2.71 4.10 35.34
N ILE A 256 3.68 5.00 35.27
CA ILE A 256 5.11 4.68 35.36
C ILE A 256 5.76 5.68 36.29
N ASN A 257 6.95 5.32 36.78
CA ASN A 257 7.68 6.19 37.68
C ASN A 257 8.60 7.11 36.89
N VAL A 258 8.60 8.39 37.25
CA VAL A 258 9.35 9.42 36.54
C VAL A 258 10.16 10.21 37.55
N PHE A 259 11.40 10.52 37.20
CA PHE A 259 12.33 11.21 38.10
C PHE A 259 12.17 12.71 37.93
N ARG A 260 11.58 13.35 38.94
CA ARG A 260 11.43 14.80 38.98
C ARG A 260 11.69 15.29 40.39
N ASN A 261 12.41 16.41 40.50
CA ASN A 261 12.72 17.03 41.78
C ASN A 261 13.49 16.07 42.69
N LYS A 262 14.34 15.24 42.09
CA LYS A 262 15.21 14.33 42.82
C LYS A 262 14.43 13.35 43.70
N LYS A 263 13.28 12.90 43.20
CA LYS A 263 12.51 11.87 43.90
C LYS A 263 11.57 11.21 42.90
N TRP A 264 11.23 9.96 43.18
CA TRP A 264 10.40 9.17 42.28
C TRP A 264 8.94 9.43 42.58
N VAL A 265 8.20 9.93 41.57
CA VAL A 265 6.77 10.18 41.69
C VAL A 265 6.07 9.61 40.47
N ALA A 266 4.91 9.00 40.69
CA ALA A 266 4.21 8.31 39.62
C ALA A 266 3.39 9.28 38.78
N LEU A 267 3.65 9.29 37.48
CA LEU A 267 2.90 10.09 36.52
C LEU A 267 2.39 9.19 35.41
N GLN A 268 1.32 9.62 34.76
CA GLN A 268 0.76 8.85 33.66
C GLN A 268 1.67 8.90 32.44
N THR A 269 1.30 8.16 31.41
CA THR A 269 2.06 8.15 30.17
C THR A 269 2.02 9.51 29.47
N ASN A 270 0.90 10.23 29.56
CA ASN A 270 0.75 11.47 28.83
C ASN A 270 1.80 12.50 29.25
N GLU A 271 2.02 12.66 30.55
CA GLU A 271 2.89 13.72 31.06
C GLU A 271 4.35 13.28 30.96
N LEU A 272 4.80 13.10 29.72
CA LEU A 272 6.18 12.75 29.42
C LEU A 272 6.78 13.76 28.46
N LEU A 273 8.04 14.09 28.68
CA LEU A 273 8.78 15.05 27.88
C LEU A 273 10.14 14.48 27.54
N PRO A 274 10.80 14.99 26.50
CA PRO A 274 12.16 14.55 26.20
C PRO A 274 13.12 14.90 27.33
N MET A 275 14.15 14.07 27.48
CA MET A 275 15.13 14.18 28.56
C MET A 275 14.46 14.06 29.92
N ASP A 276 13.63 13.03 30.06
CA ASP A 276 12.94 12.71 31.30
C ASP A 276 13.27 11.27 31.65
N LEU A 277 13.65 11.01 32.90
CA LEU A 277 14.01 9.67 33.31
C LEU A 277 12.75 8.86 33.61
N VAL A 278 12.71 7.62 33.11
CA VAL A 278 11.61 6.71 33.38
C VAL A 278 12.19 5.37 33.79
N SER A 279 11.35 4.55 34.42
CA SER A 279 11.72 3.21 34.84
C SER A 279 10.77 2.21 34.19
N ILE A 280 11.28 1.44 33.24
CA ILE A 280 10.48 0.47 32.51
C ILE A 280 10.56 -0.89 33.19
N THR A 281 9.42 -1.54 33.33
CA THR A 281 9.31 -2.87 33.91
C THR A 281 8.73 -3.83 32.87
N ARG A 282 8.39 -5.03 33.31
CA ARG A 282 7.69 -5.97 32.44
C ARG A 282 6.38 -5.33 31.95
N THR A 283 6.23 -5.24 30.63
CA THR A 283 5.04 -4.61 30.08
C THR A 283 3.80 -5.45 30.38
N ALA A 284 2.69 -4.77 30.65
CA ALA A 284 1.45 -5.45 30.98
C ALA A 284 0.79 -6.00 29.72
N GLU A 285 -0.38 -6.61 29.90
CA GLU A 285 -1.15 -7.07 28.75
C GLU A 285 -1.66 -5.89 27.94
N GLU A 286 -1.85 -6.11 26.64
CA GLU A 286 -2.31 -5.13 25.66
C GLU A 286 -1.74 -3.74 25.91
N SER A 287 -0.44 -3.67 26.23
CA SER A 287 0.25 -2.41 26.45
C SER A 287 1.59 -2.45 25.72
N ALA A 288 2.32 -1.34 25.77
CA ALA A 288 3.58 -1.22 25.07
C ALA A 288 4.45 -0.18 25.77
N ILE A 289 5.62 0.04 25.21
CA ILE A 289 6.55 1.05 25.75
C ILE A 289 5.99 2.43 25.45
N PRO A 290 6.03 3.37 26.40
CA PRO A 290 5.39 4.68 26.19
C PRO A 290 5.90 5.43 24.98
N CYS A 291 7.20 5.68 24.92
CA CYS A 291 7.79 6.45 23.83
C CYS A 291 9.19 5.92 23.54
N ASP A 292 9.80 6.49 22.50
CA ASP A 292 11.17 6.11 22.16
C ASP A 292 12.10 6.43 23.32
N LEU A 293 12.86 5.43 23.76
CA LEU A 293 13.78 5.60 24.86
C LEU A 293 15.16 5.10 24.45
N ILE A 294 16.18 5.58 25.15
CA ILE A 294 17.53 5.04 25.08
C ILE A 294 17.89 4.55 26.47
N LEU A 295 18.37 3.31 26.57
CA LEU A 295 18.72 2.76 27.87
C LEU A 295 19.86 3.55 28.51
N LEU A 296 19.75 3.77 29.82
CA LEU A 296 20.82 4.41 30.56
C LEU A 296 21.54 3.44 31.48
N ASP A 297 20.88 2.38 31.91
CA ASP A 297 21.45 1.38 32.80
C ASP A 297 20.48 0.20 32.82
N GLY A 298 21.02 -1.00 32.74
CA GLY A 298 20.23 -2.22 32.80
C GLY A 298 20.24 -2.99 31.49
N SER A 299 19.31 -3.93 31.40
CA SER A 299 19.17 -4.76 30.22
C SER A 299 17.70 -5.15 30.05
N ALA A 300 17.37 -5.58 28.83
CA ALA A 300 16.00 -5.95 28.53
C ALA A 300 15.99 -6.88 27.33
N ILE A 301 14.88 -7.62 27.19
CA ILE A 301 14.65 -8.51 26.06
C ILE A 301 13.33 -8.07 25.43
N VAL A 302 13.39 -7.19 24.46
CA VAL A 302 12.20 -6.62 23.85
C VAL A 302 11.70 -7.53 22.74
N ASN A 303 10.46 -7.33 22.34
CA ASN A 303 9.82 -8.11 21.28
C ASN A 303 9.37 -7.14 20.19
N GLU A 304 10.15 -7.06 19.12
CA GLU A 304 9.92 -6.11 18.03
C GLU A 304 8.90 -6.60 17.01
N ALA A 305 8.03 -7.52 17.40
CA ALA A 305 7.09 -8.10 16.45
C ALA A 305 6.12 -7.06 15.88
N MET A 306 5.87 -5.99 16.63
CA MET A 306 4.87 -5.02 16.19
C MET A 306 5.46 -3.97 15.25
N LEU A 307 6.69 -3.53 15.52
CA LEU A 307 7.30 -2.51 14.67
C LEU A 307 8.17 -3.12 13.57
N SER A 308 9.00 -4.10 13.92
CA SER A 308 9.89 -4.70 12.94
C SER A 308 9.26 -5.88 12.20
N GLY A 309 8.44 -6.67 12.90
CA GLY A 309 7.79 -7.80 12.28
C GLY A 309 8.64 -9.06 12.27
N GLU A 310 9.42 -9.27 13.32
CA GLU A 310 10.23 -10.46 13.47
C GLU A 310 9.83 -11.19 14.75
N SER A 311 10.02 -12.50 14.74
CA SER A 311 9.63 -13.30 15.90
C SER A 311 10.73 -13.34 16.95
N THR A 312 11.98 -13.39 16.53
CA THR A 312 13.10 -13.51 17.46
C THR A 312 13.20 -12.27 18.32
N PRO A 313 13.04 -12.38 19.64
CA PRO A 313 13.18 -11.20 20.50
C PRO A 313 14.65 -10.82 20.67
N LEU A 314 14.97 -9.57 20.37
CA LEU A 314 16.34 -9.10 20.46
C LEU A 314 16.75 -8.94 21.93
N LEU A 315 18.03 -8.60 22.12
CA LEU A 315 18.60 -8.40 23.44
C LEU A 315 19.24 -7.02 23.47
N LYS A 316 18.74 -6.15 24.35
CA LYS A 316 19.21 -4.78 24.46
C LYS A 316 20.10 -4.65 25.69
N GLU A 317 21.13 -3.83 25.58
CA GLU A 317 22.12 -3.65 26.64
C GLU A 317 22.24 -2.18 27.01
N SER A 318 22.95 -1.93 28.10
CA SER A 318 23.07 -0.59 28.65
C SER A 318 24.04 0.26 27.83
N ILE A 319 24.06 1.56 28.13
CA ILE A 319 24.98 2.50 27.52
C ILE A 319 26.04 2.99 28.49
N LYS A 320 25.94 2.61 29.76
CA LYS A 320 26.85 3.14 30.77
C LYS A 320 28.28 2.67 30.56
N LEU A 321 28.47 1.50 29.94
CA LEU A 321 29.81 0.96 29.79
C LEU A 321 30.65 1.75 28.80
N ARG A 322 30.01 2.40 27.83
CA ARG A 322 30.76 3.13 26.82
C ARG A 322 31.33 4.41 27.43
N PRO A 323 32.55 4.80 27.03
CA PRO A 323 33.12 6.07 27.53
C PRO A 323 32.29 7.26 27.08
N SER A 324 32.27 8.29 27.93
CA SER A 324 31.35 9.41 27.75
C SER A 324 31.96 10.56 26.96
N GLU A 325 33.27 10.79 27.10
CA GLU A 325 33.88 11.99 26.53
C GLU A 325 34.09 11.86 25.02
N ASP A 326 34.84 10.83 24.60
CA ASP A 326 35.29 10.75 23.22
C ASP A 326 34.15 10.34 22.28
N ASN A 327 33.52 9.21 22.57
CA ASN A 327 32.59 8.62 21.61
C ASN A 327 31.36 9.49 21.41
N LEU A 328 30.67 9.25 20.30
CA LEU A 328 29.43 9.92 19.96
C LEU A 328 28.32 8.88 19.83
N GLN A 329 27.09 9.32 20.04
CA GLN A 329 25.92 8.45 19.86
C GLN A 329 25.67 8.28 18.37
N LEU A 330 26.06 7.14 17.81
CA LEU A 330 26.04 6.95 16.38
C LEU A 330 24.75 6.36 15.85
N ASP A 331 23.98 5.67 16.70
CA ASP A 331 22.81 4.90 16.27
C ASP A 331 23.17 3.84 15.22
N GLY A 332 24.43 3.44 15.20
CA GLY A 332 24.92 2.36 14.36
C GLY A 332 25.27 1.17 15.21
N VAL A 333 26.57 1.04 15.56
CA VAL A 333 26.99 0.06 16.56
C VAL A 333 26.24 0.25 17.87
N ASP A 334 25.71 1.45 18.12
CA ASP A 334 24.95 1.75 19.33
C ASP A 334 23.46 1.54 19.15
N LYS A 335 23.06 0.57 18.32
CA LYS A 335 21.64 0.30 18.09
C LYS A 335 21.08 -0.71 19.08
N ILE A 336 21.92 -1.37 19.87
CA ILE A 336 21.41 -2.27 20.91
C ILE A 336 20.90 -1.51 22.12
N ALA A 337 21.11 -0.19 22.18
CA ALA A 337 20.66 0.58 23.32
C ALA A 337 19.29 1.23 23.08
N VAL A 338 18.82 1.25 21.84
CA VAL A 338 17.60 1.96 21.50
C VAL A 338 16.38 1.06 21.70
N LEU A 339 15.32 1.61 22.27
CA LEU A 339 14.04 0.94 22.45
C LEU A 339 12.98 1.73 21.70
N HIS A 340 12.51 1.19 20.59
CA HIS A 340 11.49 1.88 19.81
C HIS A 340 10.15 1.82 20.51
N GLY A 341 9.32 2.83 20.27
CA GLY A 341 8.02 2.88 20.90
C GLY A 341 7.04 1.92 20.26
N GLY A 342 6.18 1.34 21.07
CA GLY A 342 5.18 0.40 20.61
C GLY A 342 5.52 -1.06 20.77
N THR A 343 6.79 -1.39 21.06
CA THR A 343 7.17 -2.77 21.28
C THR A 343 6.95 -3.17 22.73
N LYS A 344 6.92 -4.47 22.98
CA LYS A 344 6.70 -5.02 24.30
C LYS A 344 8.00 -5.51 24.90
N ALA A 345 8.21 -5.24 26.19
CA ALA A 345 9.39 -5.71 26.90
C ALA A 345 9.03 -6.96 27.69
N LEU A 346 9.75 -8.05 27.41
CA LEU A 346 9.46 -9.34 28.05
C LEU A 346 10.11 -9.44 29.43
N GLN A 347 11.39 -9.15 29.53
CA GLN A 347 12.11 -9.24 30.79
C GLN A 347 13.09 -8.09 30.89
N VAL A 348 13.15 -7.47 32.07
CA VAL A 348 14.07 -6.37 32.34
C VAL A 348 14.81 -6.67 33.64
N THR A 349 16.08 -6.31 33.69
CA THR A 349 16.85 -6.61 34.87
C THR A 349 17.18 -5.34 35.65
N PRO A 350 17.19 -5.38 36.98
CA PRO A 350 17.50 -4.20 37.77
C PRO A 350 18.96 -3.81 37.60
N PRO A 351 19.31 -2.55 37.90
CA PRO A 351 20.71 -2.14 37.83
C PRO A 351 21.56 -2.89 38.84
N GLU A 352 22.78 -3.25 38.43
CA GLU A 352 23.66 -4.03 39.29
C GLU A 352 24.31 -3.18 40.37
N HIS A 353 25.05 -2.16 39.97
CA HIS A 353 25.80 -1.33 40.89
C HIS A 353 25.03 -0.06 41.25
N LYS A 354 25.60 0.71 42.16
CA LYS A 354 25.00 1.97 42.57
C LYS A 354 25.39 3.08 41.60
N SER A 355 24.57 4.13 41.58
CA SER A 355 24.81 5.28 40.72
C SER A 355 24.50 6.55 41.50
N ASP A 356 24.66 7.70 40.84
CA ASP A 356 24.37 8.98 41.48
C ASP A 356 22.90 9.11 41.84
N ILE A 357 22.02 8.60 40.99
CA ILE A 357 20.58 8.62 41.24
C ILE A 357 20.19 7.38 42.03
N PRO A 358 19.24 7.49 42.97
CA PRO A 358 18.83 6.33 43.76
C PRO A 358 18.17 5.29 42.88
N PRO A 359 18.17 4.02 43.31
CA PRO A 359 17.50 2.99 42.50
C PRO A 359 16.00 3.21 42.49
N PRO A 360 15.31 2.81 41.42
CA PRO A 360 13.87 3.00 41.35
C PRO A 360 13.16 2.13 42.38
N PRO A 361 11.94 2.51 42.79
CA PRO A 361 11.20 1.67 43.75
C PRO A 361 10.91 0.28 43.21
N ASP A 362 10.63 0.16 41.92
CA ASP A 362 10.44 -1.14 41.29
C ASP A 362 11.76 -1.60 40.66
N GLY A 363 11.84 -2.90 40.40
CA GLY A 363 13.05 -3.49 39.86
C GLY A 363 13.32 -3.18 38.41
N GLY A 364 12.61 -2.19 37.86
CA GLY A 364 12.75 -1.86 36.46
C GLY A 364 14.09 -1.20 36.15
N ALA A 365 14.36 -1.11 34.86
CA ALA A 365 15.59 -0.51 34.36
C ALA A 365 15.36 0.96 34.06
N LEU A 366 16.34 1.79 34.41
CA LEU A 366 16.31 3.21 34.08
C LEU A 366 16.62 3.41 32.61
N ALA A 367 15.89 4.33 32.00
CA ALA A 367 16.06 4.71 30.60
C ALA A 367 15.72 6.19 30.46
N ILE A 368 16.14 6.77 29.33
CA ILE A 368 15.96 8.19 29.04
C ILE A 368 15.01 8.32 27.87
N VAL A 369 14.04 9.23 27.98
CA VAL A 369 13.15 9.53 26.88
C VAL A 369 13.91 10.31 25.82
N THR A 370 13.62 10.03 24.55
CA THR A 370 14.27 10.70 23.43
C THR A 370 13.29 11.47 22.55
N LYS A 371 12.20 10.83 22.12
CA LYS A 371 11.21 11.47 21.29
C LYS A 371 9.82 11.15 21.83
N THR A 372 8.95 12.15 21.83
CA THR A 372 7.60 12.00 22.35
C THR A 372 6.59 12.43 21.31
N GLY A 373 5.45 11.74 21.29
CA GLY A 373 4.34 12.13 20.44
C GLY A 373 4.44 11.59 19.03
N PHE A 374 3.95 12.38 18.06
CA PHE A 374 3.94 11.96 16.67
C PHE A 374 5.33 11.88 16.05
N GLU A 375 6.37 12.36 16.74
CA GLU A 375 7.70 12.43 16.17
C GLU A 375 8.51 11.16 16.35
N THR A 376 7.96 10.14 17.02
CA THR A 376 8.63 8.85 17.07
C THR A 376 8.42 8.11 15.75
N SER A 377 8.98 6.91 15.67
CA SER A 377 8.88 6.13 14.43
C SER A 377 7.44 5.75 14.13
N GLN A 378 6.78 5.06 15.06
CA GLN A 378 5.41 4.65 14.85
C GLN A 378 4.50 5.85 14.69
N GLY A 379 4.74 6.91 15.46
CA GLY A 379 3.95 8.12 15.31
C GLY A 379 4.12 8.78 13.96
N SER A 380 5.36 8.83 13.47
CA SER A 380 5.59 9.40 12.14
C SER A 380 4.90 8.57 11.07
N LEU A 381 4.93 7.24 11.20
CA LEU A 381 4.26 6.40 10.22
C LEU A 381 2.74 6.61 10.26
N VAL A 382 2.17 6.74 11.46
CA VAL A 382 0.74 6.98 11.56
C VAL A 382 0.38 8.33 10.94
N ARG A 383 1.18 9.36 11.19
CA ARG A 383 0.91 10.67 10.62
C ARG A 383 1.00 10.63 9.09
N VAL A 384 2.01 9.95 8.56
CA VAL A 384 2.14 9.84 7.10
C VAL A 384 0.95 9.09 6.52
N MET A 385 0.48 8.05 7.21
CA MET A 385 -0.68 7.32 6.73
C MET A 385 -1.93 8.18 6.73
N ILE A 386 -2.09 9.02 7.76
CA ILE A 386 -3.33 9.79 7.89
C ILE A 386 -3.35 10.98 6.94
N TYR A 387 -2.36 11.87 7.03
CA TYR A 387 -2.45 13.16 6.36
C TYR A 387 -1.77 13.19 4.99
N SER A 388 -0.52 12.79 4.90
CA SER A 388 0.25 12.90 3.66
C SER A 388 0.03 11.76 2.69
N ALA A 389 -1.01 10.96 2.88
CA ALA A 389 -1.29 9.87 1.96
C ALA A 389 -1.72 10.41 0.61
N GLU A 390 -1.31 9.72 -0.46
CA GLU A 390 -1.64 10.13 -1.82
C GLU A 390 -2.75 9.25 -2.36
N ARG A 391 -3.82 9.88 -2.85
CA ARG A 391 -4.96 9.14 -3.35
C ARG A 391 -4.65 8.53 -4.72
N VAL A 392 -5.52 7.60 -5.14
CA VAL A 392 -5.37 6.98 -6.46
C VAL A 392 -5.63 8.02 -7.54
N SER A 393 -4.94 7.87 -8.66
CA SER A 393 -5.09 8.77 -9.81
C SER A 393 -4.82 10.21 -9.41
N VAL A 394 -3.57 10.48 -9.03
CA VAL A 394 -3.20 11.80 -8.53
C VAL A 394 -3.38 12.85 -9.62
N ASP A 395 -3.04 12.52 -10.87
CA ASP A 395 -3.09 13.50 -11.94
C ASP A 395 -4.52 13.93 -12.23
N ASN A 396 -5.41 12.97 -12.49
CA ASN A 396 -6.85 13.18 -12.68
C ASN A 396 -7.17 13.99 -13.92
N LYS A 397 -6.21 14.20 -14.83
CA LYS A 397 -6.50 14.94 -16.05
C LYS A 397 -7.27 14.08 -17.05
N GLU A 398 -7.08 12.77 -16.99
CA GLU A 398 -7.67 11.88 -18.00
C GLU A 398 -9.20 11.86 -17.89
N ALA A 399 -9.72 11.82 -16.66
CA ALA A 399 -11.17 11.82 -16.48
C ALA A 399 -11.78 13.12 -17.00
N LEU A 400 -11.14 14.26 -16.75
CA LEU A 400 -11.67 15.52 -17.22
C LEU A 400 -11.61 15.62 -18.74
N MET A 401 -10.54 15.09 -19.35
CA MET A 401 -10.49 15.07 -20.82
C MET A 401 -11.60 14.18 -21.39
N PHE A 402 -11.82 13.02 -20.78
CA PHE A 402 -12.88 12.15 -21.23
C PHE A 402 -14.24 12.83 -21.11
N ILE A 403 -14.45 13.58 -20.03
CA ILE A 403 -15.72 14.30 -19.86
C ILE A 403 -15.86 15.39 -20.91
N LEU A 404 -14.76 16.06 -21.25
CA LEU A 404 -14.81 17.09 -22.29
C LEU A 404 -15.18 16.50 -23.63
N PHE A 405 -14.73 15.27 -23.91
CA PHE A 405 -15.15 14.57 -25.12
C PHE A 405 -16.68 14.46 -25.20
N LEU A 406 -17.28 13.92 -24.14
CA LEU A 406 -18.73 13.79 -24.10
C LEU A 406 -19.42 15.15 -24.18
N LEU A 407 -18.81 16.19 -23.61
CA LEU A 407 -19.42 17.52 -23.70
C LEU A 407 -19.38 18.06 -25.12
N ILE A 408 -18.34 17.73 -25.88
CA ILE A 408 -18.31 18.11 -27.30
C ILE A 408 -19.47 17.45 -28.03
N PHE A 409 -19.66 16.15 -27.81
CA PHE A 409 -20.81 15.48 -28.43
C PHE A 409 -22.13 16.11 -27.96
N ALA A 410 -22.20 16.50 -26.69
CA ALA A 410 -23.39 17.14 -26.15
C ALA A 410 -23.72 18.42 -26.90
N VAL A 411 -22.71 19.26 -27.11
CA VAL A 411 -22.94 20.53 -27.81
C VAL A 411 -23.36 20.26 -29.25
N ILE A 412 -22.75 19.26 -29.89
CA ILE A 412 -23.12 18.93 -31.26
C ILE A 412 -24.60 18.55 -31.34
N ALA A 413 -25.11 17.84 -30.33
CA ALA A 413 -26.53 17.47 -30.36
C ALA A 413 -27.43 18.64 -29.95
N SER A 414 -26.99 19.45 -28.98
CA SER A 414 -27.82 20.53 -28.49
C SER A 414 -28.02 21.62 -29.53
N TRP A 415 -27.04 21.85 -30.40
CA TRP A 415 -27.24 22.81 -31.47
C TRP A 415 -28.40 22.40 -32.36
N TYR A 416 -28.45 21.12 -32.74
CA TYR A 416 -29.55 20.63 -33.57
C TYR A 416 -30.88 20.72 -32.83
N VAL A 417 -30.88 20.40 -31.53
CA VAL A 417 -32.11 20.52 -30.75
C VAL A 417 -32.62 21.95 -30.79
N TRP A 418 -31.73 22.91 -30.59
CA TRP A 418 -32.14 24.31 -30.59
C TRP A 418 -32.65 24.75 -31.96
N VAL A 419 -31.96 24.35 -33.02
CA VAL A 419 -32.40 24.76 -34.36
C VAL A 419 -33.78 24.18 -34.67
N GLU A 420 -33.99 22.90 -34.37
CA GLU A 420 -35.29 22.30 -34.66
C GLU A 420 -36.39 22.88 -33.78
N GLY A 421 -36.08 23.19 -32.52
CA GLY A 421 -37.08 23.81 -31.68
C GLY A 421 -37.46 25.20 -32.15
N THR A 422 -36.49 25.97 -32.64
CA THR A 422 -36.82 27.26 -33.21
C THR A 422 -37.61 27.12 -34.50
N LYS A 423 -37.33 26.07 -35.28
CA LYS A 423 -38.03 25.90 -36.55
C LYS A 423 -39.48 25.47 -36.35
N MET A 424 -39.74 24.62 -35.36
CA MET A 424 -41.09 24.14 -35.11
C MET A 424 -41.93 25.10 -34.29
N GLY A 425 -41.50 26.34 -34.11
CA GLY A 425 -42.31 27.34 -33.46
C GLY A 425 -42.31 27.30 -31.94
N ARG A 426 -41.44 26.50 -31.33
CA ARG A 426 -41.42 26.42 -29.88
C ARG A 426 -40.86 27.71 -29.27
N ILE A 427 -41.16 27.91 -27.99
CA ILE A 427 -40.65 29.06 -27.27
C ILE A 427 -39.18 28.85 -26.93
N GLN A 428 -38.36 29.87 -27.14
CA GLN A 428 -36.94 29.75 -26.82
C GLN A 428 -36.69 29.80 -25.32
N SER A 429 -37.53 30.55 -24.58
CA SER A 429 -37.35 30.68 -23.15
C SER A 429 -37.44 29.33 -22.45
N LYS A 430 -38.27 28.43 -22.96
CA LYS A 430 -38.33 27.07 -22.43
C LYS A 430 -37.46 26.10 -23.21
N LEU A 431 -36.89 26.52 -24.35
CA LEU A 431 -36.01 25.64 -25.11
C LEU A 431 -34.59 25.66 -24.58
N ILE A 432 -34.15 26.81 -24.03
CA ILE A 432 -32.84 26.84 -23.40
C ILE A 432 -32.77 25.87 -22.24
N LEU A 433 -33.90 25.61 -21.58
CA LEU A 433 -33.91 24.65 -20.48
C LEU A 433 -33.68 23.23 -21.00
N ASP A 434 -34.27 22.88 -22.14
CA ASP A 434 -34.02 21.56 -22.72
C ASP A 434 -32.58 21.42 -23.17
N CYS A 435 -32.03 22.48 -23.77
CA CYS A 435 -30.61 22.44 -24.15
C CYS A 435 -29.72 22.19 -22.94
N ILE A 436 -29.98 22.89 -21.84
CA ILE A 436 -29.19 22.70 -20.63
C ILE A 436 -29.41 21.31 -20.07
N LEU A 437 -30.62 20.78 -20.14
CA LEU A 437 -30.88 19.42 -19.67
C LEU A 437 -30.04 18.41 -20.42
N ILE A 438 -29.99 18.53 -21.75
CA ILE A 438 -29.20 17.59 -22.53
C ILE A 438 -27.73 17.71 -22.17
N ILE A 439 -27.21 18.94 -22.14
CA ILE A 439 -25.78 19.13 -21.88
C ILE A 439 -25.41 18.61 -20.50
N THR A 440 -26.27 18.80 -19.50
CA THR A 440 -25.97 18.32 -18.15
C THR A 440 -26.26 16.84 -17.97
N SER A 441 -27.08 16.25 -18.83
CA SER A 441 -27.34 14.81 -18.75
C SER A 441 -26.28 13.99 -19.46
N VAL A 442 -25.48 14.61 -20.34
CA VAL A 442 -24.40 13.87 -20.97
C VAL A 442 -23.32 13.53 -19.96
N VAL A 443 -23.01 14.44 -19.05
CA VAL A 443 -21.88 14.28 -18.13
C VAL A 443 -22.21 13.27 -17.03
N PRO A 444 -21.45 12.17 -16.92
CA PRO A 444 -21.66 11.25 -15.81
C PRO A 444 -20.92 11.72 -14.57
N PRO A 445 -21.57 11.70 -13.41
CA PRO A 445 -20.91 12.19 -12.19
C PRO A 445 -19.96 11.16 -11.57
N GLU A 446 -20.30 9.88 -11.65
CA GLU A 446 -19.50 8.83 -11.03
C GLU A 446 -18.29 8.44 -11.87
N LEU A 447 -17.95 9.21 -12.90
CA LEU A 447 -16.85 8.81 -13.78
C LEU A 447 -15.49 9.01 -13.13
N PRO A 448 -15.12 10.19 -12.60
CA PRO A 448 -13.75 10.35 -12.10
C PRO A 448 -13.49 9.59 -10.80
N MET A 449 -14.53 9.36 -9.99
CA MET A 449 -14.38 8.65 -8.72
C MET A 449 -14.55 7.15 -8.87
N GLU A 450 -14.28 6.60 -10.05
CA GLU A 450 -14.49 5.17 -10.29
C GLU A 450 -13.32 4.34 -9.79
N LEU A 451 -12.09 4.78 -10.06
CA LEU A 451 -10.92 4.02 -9.66
C LEU A 451 -10.81 3.92 -8.14
N THR A 452 -11.22 4.96 -7.42
CA THR A 452 -11.18 4.90 -5.96
C THR A 452 -12.09 3.82 -5.42
N MET A 453 -13.31 3.73 -5.93
CA MET A 453 -14.24 2.70 -5.48
C MET A 453 -13.74 1.31 -5.87
N ALA A 454 -13.17 1.18 -7.07
CA ALA A 454 -12.62 -0.11 -7.48
C ALA A 454 -11.49 -0.54 -6.55
N VAL A 455 -10.58 0.38 -6.23
CA VAL A 455 -9.45 0.05 -5.36
C VAL A 455 -9.94 -0.28 -3.96
N ASN A 456 -10.98 0.41 -3.48
CA ASN A 456 -11.51 0.11 -2.15
C ASN A 456 -12.13 -1.28 -2.12
N SER A 457 -12.91 -1.65 -3.15
CA SER A 457 -13.46 -2.99 -3.20
C SER A 457 -12.36 -4.04 -3.24
N SER A 458 -11.29 -3.77 -4.02
CA SER A 458 -10.19 -4.73 -4.08
C SER A 458 -9.48 -4.84 -2.74
N LEU A 459 -9.33 -3.72 -2.02
CA LEU A 459 -8.70 -3.76 -0.71
C LEU A 459 -9.53 -4.56 0.28
N ALA A 460 -10.86 -4.44 0.23
CA ALA A 460 -11.70 -5.26 1.08
C ALA A 460 -11.53 -6.74 0.75
N ALA A 461 -11.62 -7.08 -0.53
CA ALA A 461 -11.46 -8.48 -0.94
C ALA A 461 -10.09 -9.02 -0.55
N LEU A 462 -9.05 -8.18 -0.55
CA LEU A 462 -7.73 -8.61 -0.14
C LEU A 462 -7.67 -8.83 1.36
N ALA A 463 -8.12 -7.84 2.15
CA ALA A 463 -8.13 -7.96 3.59
C ALA A 463 -8.93 -9.17 4.06
N LYS A 464 -9.84 -9.67 3.24
CA LYS A 464 -10.48 -10.95 3.56
C LYS A 464 -9.47 -12.09 3.61
N PHE A 465 -8.31 -11.94 2.96
CA PHE A 465 -7.28 -12.97 2.93
C PHE A 465 -6.08 -12.63 3.82
N TYR A 466 -6.29 -11.78 4.83
CA TYR A 466 -5.26 -11.35 5.77
C TYR A 466 -4.15 -10.55 5.10
N VAL A 467 -4.32 -10.16 3.84
CA VAL A 467 -3.31 -9.35 3.13
C VAL A 467 -3.71 -7.89 3.35
N TYR A 468 -3.24 -7.32 4.45
CA TYR A 468 -3.57 -5.94 4.77
C TYR A 468 -2.69 -4.99 3.96
N CYS A 469 -3.22 -3.81 3.68
CA CYS A 469 -2.60 -2.86 2.77
C CYS A 469 -2.43 -1.51 3.46
N THR A 470 -1.20 -1.01 3.48
CA THR A 470 -0.94 0.30 4.08
C THR A 470 -1.16 1.43 3.08
N GLU A 471 -0.64 1.30 1.87
CA GLU A 471 -0.77 2.32 0.83
C GLU A 471 -1.65 1.81 -0.30
N PRO A 472 -2.82 2.40 -0.53
CA PRO A 472 -3.75 1.81 -1.50
C PRO A 472 -3.38 2.07 -2.96
N PHE A 473 -2.80 3.23 -3.26
CA PHE A 473 -2.59 3.59 -4.66
C PHE A 473 -1.61 2.66 -5.36
N ARG A 474 -0.93 1.81 -4.61
CA ARG A 474 -0.03 0.84 -5.22
C ARG A 474 -0.77 -0.33 -5.87
N ILE A 475 -2.10 -0.41 -5.71
CA ILE A 475 -2.84 -1.54 -6.24
C ILE A 475 -2.85 -1.55 -7.77
N PRO A 476 -3.20 -0.46 -8.47
CA PRO A 476 -3.12 -0.51 -9.94
C PRO A 476 -1.74 -0.82 -10.47
N PHE A 477 -0.69 -0.53 -9.71
CA PHE A 477 0.65 -0.97 -10.10
C PHE A 477 0.77 -2.48 -10.09
N ALA A 478 0.05 -3.15 -9.20
CA ALA A 478 0.16 -4.59 -9.06
C ALA A 478 -0.57 -5.35 -10.16
N GLY A 479 -1.42 -4.67 -10.93
CA GLY A 479 -2.17 -5.36 -11.96
C GLY A 479 -1.29 -5.92 -13.07
N ARG A 480 -0.37 -5.11 -13.57
CA ARG A 480 0.53 -5.52 -14.65
C ARG A 480 1.97 -5.36 -14.15
N ILE A 481 2.48 -6.41 -13.50
CA ILE A 481 3.86 -6.45 -13.03
C ILE A 481 4.66 -7.32 -13.98
N ASP A 482 5.85 -6.85 -14.34
CA ASP A 482 6.65 -7.53 -15.35
C ASP A 482 7.78 -8.36 -14.77
N VAL A 483 8.30 -8.00 -13.60
CA VAL A 483 9.35 -8.76 -12.92
C VAL A 483 9.05 -8.79 -11.44
N CYS A 484 9.02 -9.98 -10.86
CA CYS A 484 8.80 -10.16 -9.43
C CYS A 484 10.03 -10.80 -8.81
N CYS A 485 10.59 -10.14 -7.80
CA CYS A 485 11.83 -10.57 -7.17
C CYS A 485 11.54 -11.19 -5.80
N PHE A 486 12.06 -12.39 -5.57
CA PHE A 486 11.84 -13.13 -4.33
C PHE A 486 13.08 -13.05 -3.44
N ASP A 487 12.96 -13.64 -2.27
CA ASP A 487 14.09 -13.81 -1.34
C ASP A 487 14.11 -15.26 -0.89
N LYS A 488 15.30 -15.75 -0.57
CA LYS A 488 15.46 -17.19 -0.35
C LYS A 488 14.97 -17.61 1.03
N THR A 489 15.62 -17.11 2.09
CA THR A 489 15.27 -17.51 3.44
C THR A 489 14.11 -16.68 3.97
N GLY A 490 13.23 -17.32 4.73
CA GLY A 490 12.06 -16.66 5.27
C GLY A 490 10.94 -16.43 4.30
N THR A 491 11.20 -16.46 3.00
CA THR A 491 10.17 -16.22 1.99
C THR A 491 9.88 -17.47 1.17
N LEU A 492 10.89 -18.07 0.55
CA LEU A 492 10.72 -19.30 -0.22
C LEU A 492 11.03 -20.55 0.59
N THR A 493 11.51 -20.41 1.82
CA THR A 493 11.86 -21.55 2.66
C THR A 493 11.29 -21.35 4.05
N GLY A 494 10.37 -22.21 4.46
CA GLY A 494 9.82 -22.13 5.79
C GLY A 494 10.88 -22.44 6.83
N GLU A 495 10.82 -21.73 7.95
CA GLU A 495 11.87 -21.82 8.97
C GLU A 495 11.48 -22.85 10.04
N ASP A 496 11.53 -24.12 9.63
CA ASP A 496 11.43 -25.25 10.54
C ASP A 496 12.54 -26.25 10.17
N LEU A 497 13.74 -25.99 10.69
CA LEU A 497 14.90 -26.76 10.27
C LEU A 497 14.90 -28.14 10.91
N VAL A 498 15.29 -29.14 10.14
CA VAL A 498 15.39 -30.51 10.61
C VAL A 498 16.85 -30.90 10.65
N PHE A 499 17.35 -31.18 11.86
CA PHE A 499 18.74 -31.56 12.04
C PHE A 499 19.01 -32.90 11.36
N GLU A 500 20.11 -32.97 10.61
CA GLU A 500 20.43 -34.18 9.86
C GLU A 500 21.50 -35.02 10.56
N GLY A 501 22.66 -34.41 10.81
CA GLY A 501 23.72 -35.13 11.49
C GLY A 501 25.02 -34.36 11.48
N LEU A 502 25.90 -34.72 12.41
CA LEU A 502 27.23 -34.12 12.46
C LEU A 502 28.13 -34.76 11.40
N ALA A 503 29.03 -33.96 10.86
CA ALA A 503 29.94 -34.42 9.82
C ALA A 503 31.30 -33.76 9.99
N GLY A 504 32.30 -34.35 9.34
CA GLY A 504 33.64 -33.81 9.38
C GLY A 504 34.38 -34.01 10.68
N ILE A 505 33.86 -34.84 11.59
CA ILE A 505 34.54 -35.09 12.84
C ILE A 505 35.53 -36.25 12.76
N SER A 506 35.38 -37.13 11.77
CA SER A 506 36.29 -38.26 11.61
C SER A 506 37.63 -37.77 11.08
N ALA A 507 38.70 -37.99 11.84
CA ALA A 507 40.02 -37.56 11.40
C ALA A 507 40.47 -38.33 10.16
N ASP A 508 40.20 -39.64 10.12
CA ASP A 508 40.52 -40.41 8.93
C ASP A 508 39.66 -39.99 7.75
N SER A 509 38.34 -40.00 7.93
CA SER A 509 37.38 -39.56 6.91
C SER A 509 37.64 -40.23 5.55
N GLU A 510 37.56 -41.56 5.55
CA GLU A 510 37.69 -42.30 4.30
C GLU A 510 36.54 -41.98 3.36
N ASN A 511 35.39 -41.60 3.90
CA ASN A 511 34.22 -41.24 3.12
C ASN A 511 33.94 -39.76 3.35
N ILE A 512 33.70 -39.03 2.27
CA ILE A 512 33.43 -37.60 2.39
C ILE A 512 32.12 -37.37 3.13
N ARG A 513 31.04 -38.00 2.66
CA ARG A 513 29.72 -37.84 3.26
C ARG A 513 29.49 -38.92 4.32
N HIS A 514 30.18 -38.75 5.45
CA HIS A 514 30.00 -39.61 6.61
C HIS A 514 29.39 -38.78 7.72
N LEU A 515 28.25 -39.24 8.24
CA LEU A 515 27.47 -38.47 9.19
C LEU A 515 27.32 -39.23 10.50
N TYR A 516 27.41 -38.50 11.61
CA TYR A 516 27.09 -39.02 12.93
C TYR A 516 25.75 -38.42 13.36
N SER A 517 24.76 -39.26 13.58
CA SER A 517 23.42 -38.78 13.87
C SER A 517 23.37 -37.98 15.18
N ALA A 518 23.64 -38.67 16.29
CA ALA A 518 23.61 -38.05 17.61
C ALA A 518 24.14 -39.05 18.62
N ALA A 519 24.55 -38.54 19.78
CA ALA A 519 25.05 -39.36 20.88
C ALA A 519 26.22 -40.24 20.45
N GLU A 520 27.00 -39.78 19.48
CA GLU A 520 28.17 -40.50 19.00
C GLU A 520 29.42 -39.65 18.87
N ALA A 521 29.30 -38.34 18.74
CA ALA A 521 30.46 -37.49 18.61
C ALA A 521 31.24 -37.45 19.92
N PRO A 522 32.53 -37.10 19.87
CA PRO A 522 33.28 -36.93 21.12
C PRO A 522 32.66 -35.84 21.99
N GLU A 523 32.97 -35.91 23.29
CA GLU A 523 32.37 -35.00 24.25
C GLU A 523 32.66 -33.54 23.91
N SER A 524 33.78 -33.28 23.23
CA SER A 524 34.13 -31.91 22.89
C SER A 524 33.09 -31.28 21.97
N THR A 525 32.65 -32.03 20.95
CA THR A 525 31.69 -31.48 19.99
C THR A 525 30.36 -31.17 20.68
N ILE A 526 29.87 -32.08 21.53
CA ILE A 526 28.58 -31.84 22.16
C ILE A 526 28.69 -30.72 23.20
N LEU A 527 29.83 -30.62 23.90
CA LEU A 527 30.02 -29.50 24.81
C LEU A 527 30.04 -28.17 24.06
N VAL A 528 30.66 -28.15 22.89
CA VAL A 528 30.70 -26.91 22.10
C VAL A 528 29.32 -26.55 21.60
N ILE A 529 28.56 -27.52 21.10
CA ILE A 529 27.25 -27.20 20.54
C ILE A 529 26.28 -26.83 21.65
N GLY A 530 26.52 -27.27 22.89
CA GLY A 530 25.67 -26.86 23.99
C GLY A 530 26.06 -25.53 24.60
N ALA A 531 27.35 -25.18 24.55
CA ALA A 531 27.80 -23.96 25.20
C ALA A 531 27.50 -22.72 24.36
N ALA A 532 27.78 -22.76 23.07
CA ALA A 532 27.70 -21.58 22.20
C ALA A 532 26.30 -21.46 21.63
N HIS A 533 25.43 -20.77 22.36
CA HIS A 533 24.09 -20.46 21.87
C HIS A 533 23.58 -19.23 22.59
N ALA A 534 22.55 -18.61 22.00
CA ALA A 534 21.99 -17.36 22.50
C ALA A 534 20.64 -17.52 23.18
N LEU A 535 20.27 -18.75 23.54
CA LEU A 535 18.98 -18.96 24.18
C LEU A 535 19.01 -18.50 25.64
N VAL A 536 17.82 -18.25 26.18
CA VAL A 536 17.66 -17.83 27.57
C VAL A 536 16.25 -18.15 28.01
N LYS A 537 16.11 -18.58 29.26
CA LYS A 537 14.81 -18.90 29.84
C LYS A 537 14.35 -17.76 30.74
N LEU A 538 13.12 -17.30 30.54
CA LEU A 538 12.57 -16.22 31.32
C LEU A 538 12.24 -16.69 32.74
N GLU A 539 11.94 -15.72 33.61
CA GLU A 539 11.56 -16.05 34.98
C GLU A 539 10.26 -16.82 35.02
N ASP A 540 9.29 -16.43 34.19
CA ASP A 540 8.03 -17.16 34.12
C ASP A 540 8.25 -18.58 33.62
N GLY A 541 9.19 -18.76 32.69
CA GLY A 541 9.48 -20.06 32.12
C GLY A 541 9.05 -20.17 30.68
N ASP A 542 10.02 -19.98 29.77
CA ASP A 542 9.81 -20.02 28.33
C ASP A 542 11.18 -20.13 27.68
N ILE A 543 11.18 -20.38 26.37
CA ILE A 543 12.39 -20.42 25.57
C ILE A 543 12.24 -19.41 24.45
N VAL A 544 13.14 -18.43 24.39
CA VAL A 544 13.10 -17.39 23.38
C VAL A 544 14.46 -17.35 22.67
N GLY A 545 14.42 -17.28 21.35
CA GLY A 545 15.64 -17.22 20.56
C GLY A 545 15.38 -17.58 19.12
N ASP A 546 16.47 -17.75 18.38
CA ASP A 546 16.38 -18.16 16.99
C ASP A 546 15.86 -19.60 16.91
N PRO A 547 14.82 -19.87 16.12
CA PRO A 547 14.26 -21.24 16.08
C PRO A 547 15.25 -22.28 15.60
N MET A 548 16.22 -21.92 14.77
CA MET A 548 17.23 -22.89 14.38
C MET A 548 18.03 -23.38 15.59
N GLU A 549 18.35 -22.47 16.51
CA GLU A 549 19.10 -22.84 17.71
C GLU A 549 18.24 -23.71 18.62
N LYS A 550 16.96 -23.39 18.75
CA LYS A 550 16.07 -24.23 19.54
C LYS A 550 15.97 -25.63 18.98
N ALA A 551 15.82 -25.74 17.66
CA ALA A 551 15.74 -27.05 17.03
C ALA A 551 17.02 -27.84 17.20
N THR A 552 18.17 -27.18 17.02
CA THR A 552 19.46 -27.84 17.23
C THR A 552 19.57 -28.33 18.67
N LEU A 553 19.25 -27.46 19.62
CA LEU A 553 19.43 -27.78 21.04
C LEU A 553 18.49 -28.90 21.47
N LYS A 554 17.29 -28.95 20.90
CA LYS A 554 16.38 -30.05 21.18
C LYS A 554 16.85 -31.34 20.54
N ALA A 555 17.46 -31.25 19.35
CA ALA A 555 17.92 -32.45 18.68
C ALA A 555 19.10 -33.09 19.40
N VAL A 556 20.03 -32.27 19.89
CA VAL A 556 21.19 -32.85 20.58
C VAL A 556 20.80 -33.34 21.96
N GLY A 557 19.86 -32.67 22.62
CA GLY A 557 19.38 -33.09 23.92
C GLY A 557 19.75 -32.21 25.09
N TRP A 558 20.29 -31.02 24.85
CA TRP A 558 20.62 -30.12 25.95
C TRP A 558 19.35 -29.52 26.54
N ALA A 559 19.51 -28.87 27.69
CA ALA A 559 18.41 -28.21 28.38
C ALA A 559 18.94 -26.96 29.07
N VAL A 560 18.25 -25.85 28.86
CA VAL A 560 18.62 -24.56 29.44
C VAL A 560 17.68 -24.27 30.60
N GLU A 561 18.24 -23.83 31.73
CA GLU A 561 17.48 -23.54 32.94
C GLU A 561 17.23 -22.04 33.03
N ARG A 562 16.68 -21.61 34.16
CA ARG A 562 16.42 -20.19 34.37
C ARG A 562 17.72 -19.39 34.43
N LYS A 563 18.63 -19.79 35.31
CA LYS A 563 19.99 -19.26 35.27
C LYS A 563 20.64 -19.64 33.95
N ASN A 564 21.65 -18.86 33.55
CA ASN A 564 22.38 -19.14 32.32
C ASN A 564 22.93 -20.55 32.26
N SER A 565 23.03 -21.23 33.40
CA SER A 565 23.49 -22.62 33.41
C SER A 565 22.56 -23.50 32.61
N ASN A 566 23.14 -24.28 31.70
CA ASN A 566 22.39 -25.25 30.90
C ASN A 566 23.00 -26.62 31.15
N TYR A 567 22.19 -27.54 31.67
CA TYR A 567 22.68 -28.83 32.10
C TYR A 567 21.60 -29.87 31.81
N ARG A 568 21.74 -31.05 32.42
CA ARG A 568 20.75 -32.13 32.32
C ARG A 568 20.66 -32.65 30.89
N GLU A 569 21.79 -32.69 30.20
CA GLU A 569 21.87 -33.29 28.88
C GLU A 569 22.39 -34.72 28.92
N GLY A 570 22.55 -35.29 30.12
CA GLY A 570 23.06 -36.62 30.27
C GLY A 570 24.58 -36.73 30.26
N THR A 571 25.30 -35.60 30.25
CA THR A 571 26.75 -35.62 30.20
C THR A 571 27.41 -34.75 31.25
N GLY A 572 26.69 -33.87 31.92
CA GLY A 572 27.29 -33.04 32.95
C GLY A 572 26.49 -31.76 33.13
N LYS A 573 27.11 -30.82 33.84
CA LYS A 573 26.54 -29.51 34.10
C LYS A 573 27.38 -28.45 33.39
N LEU A 574 26.71 -27.54 32.68
CA LEU A 574 27.38 -26.51 31.91
C LEU A 574 26.75 -25.16 32.20
N ASP A 575 27.57 -24.12 32.15
CA ASP A 575 27.12 -22.76 32.43
C ASP A 575 27.86 -21.80 31.51
N ILE A 576 27.20 -20.68 31.21
CA ILE A 576 27.73 -19.67 30.31
C ILE A 576 28.13 -18.46 31.15
N ILE A 577 29.42 -18.11 31.11
CA ILE A 577 29.91 -16.99 31.90
C ILE A 577 29.71 -15.68 31.16
N ARG A 578 30.14 -15.61 29.91
CA ARG A 578 30.00 -14.39 29.12
C ARG A 578 29.76 -14.78 27.66
N ARG A 579 28.96 -13.98 26.98
CA ARG A 579 28.59 -14.22 25.60
C ARG A 579 28.88 -13.00 24.75
N PHE A 580 29.02 -13.22 23.44
CA PHE A 580 29.29 -12.16 22.49
C PHE A 580 28.13 -12.05 21.50
N GLN A 581 27.90 -10.84 21.01
CA GLN A 581 26.80 -10.61 20.08
C GLN A 581 27.14 -11.17 18.71
N PHE A 582 26.10 -11.29 17.88
CA PHE A 582 26.22 -11.77 16.51
C PHE A 582 25.84 -10.65 15.56
N SER A 583 26.67 -10.43 14.54
CA SER A 583 26.46 -9.38 13.57
C SER A 583 26.66 -9.91 12.17
N SER A 584 26.07 -9.22 11.19
CA SER A 584 26.22 -9.62 9.79
C SER A 584 27.68 -9.55 9.36
N ALA A 585 28.35 -8.45 9.68
CA ALA A 585 29.78 -8.32 9.41
C ALA A 585 30.56 -9.16 10.41
N LEU A 586 31.55 -9.90 9.92
CA LEU A 586 32.31 -10.83 10.75
C LEU A 586 31.37 -11.79 11.48
N LYS A 587 30.57 -12.51 10.70
CA LYS A 587 29.46 -13.27 11.23
C LYS A 587 29.94 -14.52 11.95
N ARG A 588 29.73 -14.55 13.26
CA ARG A 588 29.97 -15.73 14.09
C ARG A 588 29.49 -15.41 15.50
N SER A 589 29.28 -16.46 16.28
CA SER A 589 28.86 -16.34 17.67
C SER A 589 29.85 -17.08 18.55
N ALA A 590 30.28 -16.46 19.64
CA ALA A 590 31.23 -17.06 20.56
C ALA A 590 30.76 -16.85 21.99
N SER A 591 31.11 -17.80 22.85
CA SER A 591 30.76 -17.72 24.26
C SER A 591 31.79 -18.48 25.07
N ILE A 592 31.95 -18.08 26.33
CA ILE A 592 32.88 -18.71 27.25
C ILE A 592 32.09 -19.46 28.30
N ALA A 593 32.33 -20.76 28.40
CA ALA A 593 31.62 -21.62 29.34
C ALA A 593 32.60 -22.17 30.37
N SER A 594 32.08 -23.00 31.26
CA SER A 594 32.90 -23.62 32.29
C SER A 594 32.41 -25.04 32.55
N HIS A 595 33.36 -25.96 32.67
CA HIS A 595 33.09 -27.35 33.00
C HIS A 595 33.71 -27.65 34.35
N ASN A 596 33.31 -28.77 34.95
CA ASN A 596 33.73 -29.04 36.32
C ASN A 596 35.23 -29.28 36.41
N ASP A 597 35.86 -29.69 35.29
CA ASP A 597 37.30 -29.87 35.28
C ASP A 597 38.02 -28.54 35.09
N ALA A 598 37.74 -27.84 34.00
CA ALA A 598 38.43 -26.59 33.69
C ALA A 598 37.48 -25.70 32.89
N LEU A 599 38.04 -24.67 32.26
CA LEU A 599 37.27 -23.69 31.51
C LEU A 599 37.72 -23.69 30.06
N PHE A 600 36.75 -23.57 29.14
CA PHE A 600 37.03 -23.58 27.71
C PHE A 600 36.27 -22.43 27.06
N ALA A 601 36.29 -22.39 25.73
CA ALA A 601 35.63 -21.34 24.96
C ALA A 601 35.24 -21.89 23.61
N ALA A 602 33.99 -21.69 23.22
CA ALA A 602 33.45 -22.20 21.97
C ALA A 602 33.10 -21.07 21.02
N VAL A 603 32.95 -21.42 19.74
CA VAL A 603 32.59 -20.46 18.71
C VAL A 603 31.80 -21.19 17.63
N LYS A 604 30.78 -20.52 17.09
CA LYS A 604 29.93 -21.08 16.05
C LYS A 604 29.68 -20.02 15.00
N GLY A 605 30.15 -20.25 13.78
CA GLY A 605 29.95 -19.28 12.72
C GLY A 605 30.03 -19.96 11.37
N ALA A 606 29.89 -19.15 10.32
CA ALA A 606 29.96 -19.66 8.97
C ALA A 606 31.34 -20.29 8.72
N PRO A 607 31.40 -21.33 7.88
CA PRO A 607 32.66 -22.08 7.77
C PRO A 607 33.76 -21.31 7.06
N GLU A 608 33.44 -20.44 6.12
CA GLU A 608 34.47 -19.71 5.39
C GLU A 608 35.24 -18.77 6.30
N THR A 609 34.58 -18.21 7.31
CA THR A 609 35.24 -17.33 8.27
C THR A 609 35.88 -18.09 9.42
N ILE A 610 35.37 -19.27 9.73
CA ILE A 610 35.99 -20.08 10.79
C ILE A 610 37.26 -20.74 10.30
N ARG A 611 37.33 -21.09 9.01
CA ARG A 611 38.52 -21.77 8.49
C ARG A 611 39.77 -20.92 8.65
N GLU A 612 39.65 -19.61 8.42
CA GLU A 612 40.80 -18.71 8.50
C GLU A 612 41.18 -18.38 9.93
N ARG A 613 40.66 -19.10 10.93
CA ARG A 613 40.93 -18.80 12.32
C ARG A 613 41.70 -19.90 13.02
N LEU A 614 41.24 -21.14 12.94
CA LEU A 614 41.89 -22.23 13.66
C LEU A 614 43.25 -22.54 13.03
N SER A 615 44.13 -23.13 13.85
CA SER A 615 45.49 -23.41 13.42
C SER A 615 45.56 -24.73 12.65
N ASP A 616 45.17 -25.83 13.28
CA ASP A 616 45.26 -27.14 12.65
C ASP A 616 44.16 -27.33 11.63
N ILE A 617 44.45 -27.01 10.37
CA ILE A 617 43.45 -27.11 9.31
C ILE A 617 43.29 -28.57 8.91
N PRO A 618 42.07 -29.10 8.91
CA PRO A 618 41.88 -30.49 8.46
C PRO A 618 42.09 -30.61 6.96
N LYS A 619 42.28 -31.86 6.51
CA LYS A 619 42.59 -32.09 5.11
C LYS A 619 41.34 -32.09 4.24
N ASN A 620 40.20 -32.56 4.77
CA ASN A 620 38.97 -32.65 4.01
C ASN A 620 38.03 -31.48 4.23
N TYR A 621 38.52 -30.38 4.83
CA TYR A 621 37.63 -29.27 5.17
C TYR A 621 36.98 -28.68 3.93
N ASP A 622 37.79 -28.23 2.97
CA ASP A 622 37.26 -27.55 1.79
C ASP A 622 36.39 -28.49 0.96
N GLU A 623 36.80 -29.76 0.85
CA GLU A 623 36.03 -30.71 0.07
C GLU A 623 34.67 -30.98 0.70
N ILE A 624 34.65 -31.27 2.01
CA ILE A 624 33.41 -31.63 2.68
C ILE A 624 32.46 -30.44 2.73
N TYR A 625 32.98 -29.23 2.94
CA TYR A 625 32.11 -28.06 2.99
C TYR A 625 31.38 -27.87 1.68
N LYS A 626 32.11 -27.89 0.56
CA LYS A 626 31.46 -27.73 -0.74
C LYS A 626 30.55 -28.91 -1.07
N SER A 627 30.94 -30.12 -0.66
CA SER A 627 30.12 -31.28 -0.96
C SER A 627 28.77 -31.21 -0.24
N PHE A 628 28.78 -30.80 1.02
CA PHE A 628 27.52 -30.72 1.76
C PHE A 628 26.73 -29.47 1.42
N THR A 629 27.39 -28.42 0.92
CA THR A 629 26.67 -27.22 0.53
C THR A 629 25.99 -27.36 -0.83
N ARG A 630 26.47 -28.28 -1.67
CA ARG A 630 26.00 -28.35 -3.05
C ARG A 630 24.55 -28.80 -3.14
N SER A 631 24.08 -29.63 -2.20
CA SER A 631 22.74 -30.19 -2.26
C SER A 631 21.94 -29.75 -1.03
N GLY A 632 21.34 -28.58 -1.11
CA GLY A 632 20.36 -28.16 -0.12
C GLY A 632 20.87 -27.81 1.25
N SER A 633 21.71 -28.67 1.81
CA SER A 633 22.12 -28.54 3.21
C SER A 633 22.85 -27.22 3.44
N ARG A 634 22.68 -26.69 4.66
CA ARG A 634 23.34 -25.46 5.10
C ARG A 634 24.22 -25.79 6.29
N VAL A 635 25.50 -25.47 6.18
CA VAL A 635 26.50 -25.94 7.14
C VAL A 635 26.93 -24.81 8.06
N LEU A 636 27.30 -25.19 9.29
CA LEU A 636 27.91 -24.30 10.27
C LEU A 636 29.07 -25.02 10.92
N ALA A 637 30.11 -24.27 11.29
CA ALA A 637 31.33 -24.82 11.84
C ALA A 637 31.39 -24.60 13.35
N LEU A 638 32.01 -25.54 14.05
CA LEU A 638 32.15 -25.49 15.50
C LEU A 638 33.61 -25.68 15.87
N ALA A 639 34.13 -24.81 16.73
CA ALA A 639 35.52 -24.87 17.14
C ALA A 639 35.63 -24.46 18.60
N SER A 640 36.67 -24.97 19.27
CA SER A 640 36.87 -24.71 20.69
C SER A 640 38.34 -24.50 21.00
N LYS A 641 38.60 -23.83 22.11
CA LYS A 641 39.95 -23.65 22.63
C LYS A 641 39.90 -23.65 24.15
N SER A 642 40.75 -24.45 24.78
CA SER A 642 40.82 -24.46 26.23
C SER A 642 41.43 -23.15 26.72
N LEU A 643 40.80 -22.53 27.71
CA LEU A 643 41.20 -21.22 28.21
C LEU A 643 41.37 -21.28 29.71
N PRO A 644 42.60 -21.15 30.23
CA PRO A 644 42.79 -21.14 31.69
C PRO A 644 42.45 -19.80 32.29
N LYS A 645 42.01 -19.82 33.54
CA LYS A 645 41.62 -18.61 34.24
C LYS A 645 42.84 -17.77 34.60
N ASP A 653 36.18 -11.72 31.67
CA ASP A 653 36.01 -10.37 31.14
C ASP A 653 37.23 -9.92 30.36
N LEU A 654 37.16 -10.05 29.03
CA LEU A 654 38.26 -9.68 28.15
C LEU A 654 37.70 -9.34 26.78
N ASN A 655 38.60 -9.03 25.85
CA ASN A 655 38.21 -8.63 24.50
C ASN A 655 37.82 -9.87 23.68
N ARG A 656 37.47 -9.63 22.41
CA ARG A 656 36.97 -10.69 21.54
C ARG A 656 38.04 -11.34 20.70
N ASP A 657 39.11 -10.61 20.37
CA ASP A 657 40.16 -11.17 19.51
C ASP A 657 41.09 -12.12 20.24
N ASP A 658 41.01 -12.20 21.57
CA ASP A 658 41.84 -13.12 22.32
C ASP A 658 41.20 -14.49 22.47
N VAL A 659 39.89 -14.51 22.72
CA VAL A 659 39.19 -15.79 22.84
C VAL A 659 39.14 -16.50 21.49
N GLU A 660 39.11 -15.75 20.39
CA GLU A 660 39.06 -16.31 19.05
C GLU A 660 40.42 -16.27 18.36
N SER A 661 41.52 -16.35 19.12
CA SER A 661 42.84 -16.30 18.51
C SER A 661 43.14 -17.56 17.72
N GLU A 662 43.16 -18.71 18.40
CA GLU A 662 43.36 -19.98 17.75
C GLU A 662 42.33 -20.97 18.28
N LEU A 663 41.93 -21.91 17.43
CA LEU A 663 40.84 -22.83 17.75
C LEU A 663 41.24 -24.25 17.36
N THR A 664 40.34 -25.19 17.63
CA THR A 664 40.50 -26.59 17.25
C THR A 664 39.19 -27.08 16.67
N PHE A 665 39.24 -27.69 15.49
CA PHE A 665 38.03 -28.07 14.79
C PHE A 665 37.25 -29.12 15.58
N ASN A 666 35.92 -29.06 15.47
CA ASN A 666 35.05 -29.96 16.22
C ASN A 666 33.93 -30.58 15.40
N GLY A 667 33.66 -30.13 14.18
CA GLY A 667 32.69 -30.77 13.33
C GLY A 667 31.86 -29.75 12.59
N PHE A 668 30.81 -30.25 11.93
CA PHE A 668 29.90 -29.45 11.13
C PHE A 668 28.48 -29.65 11.62
N LEU A 669 27.62 -28.69 11.32
CA LEU A 669 26.19 -28.77 11.58
C LEU A 669 25.46 -28.76 10.25
N ILE A 670 24.67 -29.80 9.99
CA ILE A 670 24.02 -29.98 8.70
C ILE A 670 22.53 -29.79 8.88
N PHE A 671 22.00 -28.67 8.40
CA PHE A 671 20.59 -28.35 8.50
C PHE A 671 19.96 -28.40 7.11
N HIS A 672 18.89 -29.17 6.97
CA HIS A 672 18.18 -29.31 5.71
C HIS A 672 16.93 -28.43 5.77
N CYS A 673 16.98 -27.29 5.09
CA CYS A 673 15.87 -26.35 5.11
C CYS A 673 14.82 -26.78 4.10
N PRO A 674 13.61 -27.15 4.53
CA PRO A 674 12.59 -27.59 3.58
C PRO A 674 11.81 -26.44 2.99
N LEU A 675 11.40 -26.63 1.74
CA LEU A 675 10.61 -25.62 1.05
C LEU A 675 9.21 -25.54 1.63
N LYS A 676 8.57 -24.39 1.46
CA LYS A 676 7.16 -24.26 1.76
C LYS A 676 6.36 -25.06 0.76
N ASP A 677 5.31 -25.73 1.24
CA ASP A 677 4.52 -26.59 0.38
C ASP A 677 3.77 -25.82 -0.70
N ASP A 678 3.71 -24.49 -0.60
CA ASP A 678 2.99 -23.67 -1.55
C ASP A 678 3.92 -22.89 -2.49
N ALA A 679 5.23 -23.12 -2.41
CA ALA A 679 6.17 -22.33 -3.22
C ALA A 679 6.22 -22.80 -4.66
N ILE A 680 6.27 -24.11 -4.88
CA ILE A 680 6.44 -24.63 -6.24
C ILE A 680 5.26 -24.26 -7.12
N GLU A 681 4.04 -24.38 -6.60
CA GLU A 681 2.87 -24.09 -7.40
C GLU A 681 2.74 -22.61 -7.71
N THR A 682 3.00 -21.74 -6.73
CA THR A 682 2.94 -20.31 -6.98
C THR A 682 4.00 -19.89 -7.99
N ILE A 683 5.20 -20.45 -7.90
CA ILE A 683 6.24 -20.07 -8.85
C ILE A 683 5.90 -20.58 -10.25
N LYS A 684 5.31 -21.78 -10.35
CA LYS A 684 4.88 -22.27 -11.66
C LYS A 684 3.82 -21.36 -12.25
N MET A 685 2.85 -20.94 -11.44
CA MET A 685 1.79 -20.07 -11.95
C MET A 685 2.35 -18.72 -12.38
N LEU A 686 3.28 -18.15 -11.59
CA LEU A 686 3.88 -16.88 -11.97
C LEU A 686 4.73 -17.00 -13.23
N ASN A 687 5.35 -18.16 -13.45
CA ASN A 687 6.13 -18.35 -14.67
C ASN A 687 5.21 -18.48 -15.88
N GLU A 688 4.11 -19.22 -15.75
CA GLU A 688 3.20 -19.41 -16.87
C GLU A 688 2.22 -18.26 -17.05
N SER A 689 2.24 -17.25 -16.18
CA SER A 689 1.33 -16.12 -16.28
C SER A 689 2.00 -14.88 -16.85
N SER A 690 3.01 -15.05 -17.71
CA SER A 690 3.70 -13.95 -18.39
C SER A 690 4.40 -13.02 -17.41
N HIS A 691 4.89 -13.57 -16.30
CA HIS A 691 5.71 -12.84 -15.33
C HIS A 691 7.06 -13.52 -15.24
N ARG A 692 8.12 -12.73 -15.10
CA ARG A 692 9.45 -13.24 -14.85
C ARG A 692 9.74 -13.16 -13.37
N SER A 693 10.22 -14.26 -12.79
CA SER A 693 10.51 -14.33 -11.36
C SER A 693 12.00 -14.60 -11.17
N ILE A 694 12.68 -13.66 -10.51
CA ILE A 694 14.10 -13.80 -10.21
C ILE A 694 14.26 -13.83 -8.69
N MET A 695 15.42 -14.31 -8.25
CA MET A 695 15.71 -14.47 -6.83
C MET A 695 16.86 -13.55 -6.44
N ILE A 696 16.72 -12.90 -5.29
CA ILE A 696 17.74 -12.01 -4.74
C ILE A 696 17.96 -12.40 -3.30
N THR A 697 19.12 -12.96 -2.98
CA THR A 697 19.38 -13.49 -1.65
C THR A 697 20.80 -13.15 -1.21
N GLY A 698 21.05 -13.37 0.07
CA GLY A 698 22.35 -13.12 0.65
C GLY A 698 23.17 -14.36 0.97
N ASP A 699 22.62 -15.55 0.74
CA ASP A 699 23.35 -16.77 1.03
C ASP A 699 24.36 -17.09 -0.07
N ASN A 700 25.22 -18.06 0.20
CA ASN A 700 26.25 -18.45 -0.74
C ASN A 700 25.63 -18.97 -2.04
N PRO A 701 26.36 -18.88 -3.16
CA PRO A 701 25.73 -19.14 -4.46
C PRO A 701 25.29 -20.58 -4.66
N LEU A 702 25.95 -21.55 -4.06
CA LEU A 702 25.60 -22.95 -4.30
C LEU A 702 24.19 -23.26 -3.80
N THR A 703 23.91 -22.91 -2.54
CA THR A 703 22.59 -23.16 -1.98
C THR A 703 21.51 -22.37 -2.72
N ALA A 704 21.82 -21.13 -3.09
CA ALA A 704 20.84 -20.32 -3.81
C ALA A 704 20.52 -20.92 -5.17
N VAL A 705 21.54 -21.38 -5.90
CA VAL A 705 21.31 -22.01 -7.19
C VAL A 705 20.52 -23.30 -7.03
N HIS A 706 20.81 -24.06 -5.97
CA HIS A 706 20.08 -25.31 -5.75
C HIS A 706 18.61 -25.05 -5.45
N VAL A 707 18.32 -24.07 -4.60
CA VAL A 707 16.92 -23.75 -4.30
C VAL A 707 16.22 -23.20 -5.53
N ALA A 708 16.90 -22.37 -6.32
CA ALA A 708 16.28 -21.84 -7.53
C ALA A 708 16.01 -22.93 -8.55
N LYS A 709 16.86 -23.95 -8.61
CA LYS A 709 16.61 -25.03 -9.56
C LYS A 709 15.52 -25.96 -9.08
N GLU A 710 15.43 -26.17 -7.76
CA GLU A 710 14.37 -27.01 -7.22
C GLU A 710 13.00 -26.35 -7.31
N VAL A 711 12.95 -25.02 -7.15
CA VAL A 711 11.67 -24.32 -7.18
C VAL A 711 11.17 -24.18 -8.61
N GLY A 712 12.05 -23.87 -9.56
CA GLY A 712 11.65 -23.77 -10.94
C GLY A 712 11.95 -22.43 -11.58
N ILE A 713 12.98 -21.73 -11.08
CA ILE A 713 13.36 -20.46 -11.67
C ILE A 713 14.34 -20.66 -12.81
N VAL A 714 15.33 -21.51 -12.63
CA VAL A 714 16.30 -21.85 -13.67
C VAL A 714 16.07 -23.30 -14.08
N PHE A 715 16.06 -23.54 -15.39
CA PHE A 715 15.73 -24.88 -15.89
C PHE A 715 16.98 -25.71 -16.16
N GLY A 716 17.85 -25.26 -17.05
CA GLY A 716 19.01 -26.02 -17.45
C GLY A 716 20.15 -25.89 -16.47
N GLU A 717 21.35 -26.15 -16.96
CA GLU A 717 22.55 -25.88 -16.17
C GLU A 717 22.64 -24.40 -15.86
N THR A 718 23.47 -24.06 -14.87
CA THR A 718 23.65 -22.69 -14.45
C THR A 718 25.12 -22.39 -14.26
N LEU A 719 25.49 -21.13 -14.49
CA LEU A 719 26.84 -20.64 -14.27
C LEU A 719 26.86 -19.65 -13.12
N ILE A 720 27.99 -19.58 -12.44
CA ILE A 720 28.17 -18.73 -11.27
C ILE A 720 29.33 -17.79 -11.52
N LEU A 721 29.09 -16.49 -11.37
CA LEU A 721 30.12 -15.47 -11.50
C LEU A 721 30.69 -15.17 -10.12
N ASP A 722 32.00 -15.31 -9.96
CA ASP A 722 32.62 -15.05 -8.68
C ASP A 722 34.09 -14.73 -8.89
N ARG A 723 34.76 -14.39 -7.79
CA ARG A 723 36.17 -14.04 -7.85
C ARG A 723 37.01 -15.25 -8.27
N ALA A 724 38.00 -15.00 -9.12
CA ALA A 724 38.85 -16.09 -9.60
C ALA A 724 39.77 -16.60 -8.52
N GLY A 725 40.55 -15.71 -7.90
CA GLY A 725 41.48 -16.10 -6.87
C GLY A 725 41.35 -15.24 -5.63
N LYS A 726 42.09 -15.61 -4.60
CA LYS A 726 42.03 -14.88 -3.34
C LYS A 726 42.51 -13.45 -3.49
N SER A 727 43.38 -13.19 -4.47
CA SER A 727 43.86 -11.83 -4.69
C SER A 727 42.74 -10.94 -5.21
N ASP A 728 42.70 -9.70 -4.72
CA ASP A 728 41.68 -8.74 -5.11
C ASP A 728 42.11 -8.05 -6.41
N ASP A 729 42.17 -8.85 -7.47
CA ASP A 729 42.55 -8.36 -8.79
C ASP A 729 41.34 -8.02 -9.65
N ASN A 730 40.12 -8.25 -9.15
CA ASN A 730 38.89 -7.96 -9.88
C ASN A 730 38.86 -8.68 -11.23
N GLN A 731 38.94 -10.00 -11.18
CA GLN A 731 38.83 -10.86 -12.36
C GLN A 731 37.76 -11.90 -12.09
N LEU A 732 36.67 -11.84 -12.84
CA LEU A 732 35.53 -12.72 -12.64
C LEU A 732 35.70 -14.00 -13.46
N LEU A 733 35.33 -15.13 -12.87
CA LEU A 733 35.49 -16.44 -13.48
C LEU A 733 34.13 -17.11 -13.60
N PHE A 734 33.74 -17.44 -14.83
CA PHE A 734 32.53 -18.23 -15.07
C PHE A 734 32.81 -19.69 -14.73
N ARG A 735 32.02 -20.25 -13.83
CA ARG A 735 32.25 -21.62 -13.40
C ARG A 735 30.91 -22.28 -13.09
N ASP A 736 30.76 -23.53 -13.55
CA ASP A 736 29.54 -24.27 -13.30
C ASP A 736 29.43 -24.65 -11.83
N VAL A 737 28.29 -25.21 -11.45
CA VAL A 737 28.11 -25.64 -10.06
C VAL A 737 29.17 -26.68 -9.72
N GLU A 738 29.44 -27.61 -10.63
CA GLU A 738 30.55 -28.53 -10.50
C GLU A 738 31.76 -27.99 -11.26
N GLU A 739 32.82 -28.77 -11.33
CA GLU A 739 34.05 -28.36 -12.00
C GLU A 739 34.09 -28.76 -13.47
N THR A 740 32.93 -28.88 -14.12
CA THR A 740 32.91 -29.41 -15.48
C THR A 740 33.43 -28.40 -16.49
N VAL A 741 33.15 -27.11 -16.28
CA VAL A 741 33.54 -26.08 -17.24
C VAL A 741 33.92 -24.81 -16.47
N SER A 742 34.95 -24.12 -16.95
CA SER A 742 35.39 -22.86 -16.39
C SER A 742 35.78 -21.93 -17.52
N ILE A 743 35.12 -20.78 -17.61
CA ILE A 743 35.35 -19.79 -18.65
C ILE A 743 35.98 -18.56 -18.01
N PRO A 744 37.16 -18.13 -18.43
CA PRO A 744 37.76 -16.93 -17.85
C PRO A 744 37.15 -15.66 -18.44
N PHE A 745 37.03 -14.64 -17.59
CA PHE A 745 36.46 -13.37 -17.98
C PHE A 745 37.25 -12.23 -17.36
N ASP A 746 37.27 -11.08 -18.03
CA ASP A 746 37.97 -9.90 -17.56
C ASP A 746 37.02 -8.71 -17.68
N PRO A 747 36.71 -8.00 -16.60
CA PRO A 747 35.74 -6.92 -16.70
C PRO A 747 36.26 -5.70 -17.45
N SER A 748 37.57 -5.44 -17.40
CA SER A 748 38.10 -4.24 -18.04
C SER A 748 38.28 -4.44 -19.55
N LYS A 749 38.85 -5.57 -19.96
CA LYS A 749 39.20 -5.79 -21.36
C LYS A 749 38.09 -6.50 -22.13
N ASP A 750 37.71 -7.69 -21.68
CA ASP A 750 36.83 -8.55 -22.46
C ASP A 750 35.39 -8.04 -22.41
N THR A 751 34.53 -8.69 -23.19
CA THR A 751 33.12 -8.34 -23.27
C THR A 751 32.29 -9.62 -23.30
N PHE A 752 31.02 -9.48 -22.92
CA PHE A 752 30.12 -10.63 -22.91
C PHE A 752 29.80 -11.08 -24.33
N ASP A 753 29.85 -12.38 -24.56
CA ASP A 753 29.43 -12.97 -25.82
C ASP A 753 28.03 -13.53 -25.65
N HIS A 754 27.11 -13.09 -26.51
CA HIS A 754 25.70 -13.47 -26.34
C HIS A 754 25.51 -14.95 -26.59
N SER A 755 25.87 -15.42 -27.79
CA SER A 755 25.57 -16.81 -28.17
C SER A 755 26.35 -17.80 -27.34
N LYS A 756 27.54 -17.43 -26.87
CA LYS A 756 28.37 -18.37 -26.12
C LYS A 756 27.93 -18.49 -24.67
N LEU A 757 27.36 -17.44 -24.09
CA LEU A 757 27.08 -17.41 -22.65
C LEU A 757 25.59 -17.33 -22.34
N PHE A 758 24.88 -16.34 -22.88
CA PHE A 758 23.52 -16.10 -22.42
C PHE A 758 22.52 -17.07 -23.02
N ASP A 759 22.84 -17.66 -24.17
CA ASP A 759 21.88 -18.50 -24.86
C ASP A 759 21.79 -19.90 -24.25
N ARG A 760 22.79 -20.30 -23.46
CA ARG A 760 22.88 -21.68 -23.03
C ARG A 760 22.72 -21.90 -21.53
N TYR A 761 23.13 -20.96 -20.68
CA TYR A 761 23.37 -21.30 -19.29
C TYR A 761 22.52 -20.56 -18.27
N ASP A 762 21.96 -19.40 -18.60
CA ASP A 762 21.13 -18.64 -17.66
C ASP A 762 21.89 -18.36 -16.36
N ILE A 763 22.94 -17.55 -16.50
CA ILE A 763 23.96 -17.43 -15.46
C ILE A 763 23.38 -16.80 -14.19
N ALA A 764 24.10 -16.99 -13.09
CA ALA A 764 23.79 -16.40 -11.79
C ALA A 764 24.95 -15.54 -11.32
N VAL A 765 24.64 -14.36 -10.80
CA VAL A 765 25.62 -13.33 -10.51
C VAL A 765 25.78 -13.18 -9.01
N THR A 766 27.02 -13.20 -8.52
CA THR A 766 27.33 -12.94 -7.12
C THR A 766 27.52 -11.44 -6.91
N GLY A 767 27.26 -11.00 -5.68
CA GLY A 767 27.37 -9.58 -5.36
C GLY A 767 28.75 -9.01 -5.66
N TYR A 768 29.80 -9.80 -5.48
CA TYR A 768 31.15 -9.33 -5.79
C TYR A 768 31.33 -9.09 -7.28
N ALA A 769 30.80 -9.99 -8.11
CA ALA A 769 30.88 -9.78 -9.55
C ALA A 769 30.01 -8.62 -10.00
N LEU A 770 28.91 -8.36 -9.29
CA LEU A 770 28.11 -7.18 -9.59
C LEU A 770 28.83 -5.90 -9.19
N ASN A 771 29.63 -5.95 -8.13
CA ASN A 771 30.38 -4.77 -7.71
C ASN A 771 31.55 -4.50 -8.64
N ALA A 772 32.25 -5.55 -9.08
CA ALA A 772 33.40 -5.36 -9.96
C ALA A 772 32.99 -4.88 -11.34
N LEU A 773 31.78 -5.23 -11.78
CA LEU A 773 31.28 -4.80 -13.08
C LEU A 773 30.61 -3.42 -13.03
N GLU A 774 30.59 -2.77 -11.88
CA GLU A 774 30.00 -1.44 -11.78
C GLU A 774 30.74 -0.46 -12.68
N GLY A 775 30.06 0.01 -13.73
CA GLY A 775 30.65 0.90 -14.70
C GLY A 775 30.93 0.27 -16.05
N HIS A 776 30.73 -1.03 -16.20
CA HIS A 776 30.92 -1.67 -17.49
C HIS A 776 29.81 -1.24 -18.46
N SER A 777 30.12 -1.29 -19.75
CA SER A 777 29.17 -0.84 -20.76
C SER A 777 28.00 -1.80 -20.92
N GLN A 778 28.23 -3.09 -20.69
CA GLN A 778 27.21 -4.11 -20.90
C GLN A 778 26.52 -4.54 -19.61
N LEU A 779 26.55 -3.69 -18.58
CA LEU A 779 25.85 -4.04 -17.34
C LEU A 779 24.35 -4.17 -17.58
N ARG A 780 23.77 -3.23 -18.32
CA ARG A 780 22.33 -3.26 -18.55
C ARG A 780 21.94 -4.36 -19.53
N ASP A 781 22.89 -4.89 -20.30
CA ASP A 781 22.61 -6.07 -21.11
C ASP A 781 22.76 -7.35 -20.29
N LEU A 782 23.63 -7.33 -19.27
CA LEU A 782 23.79 -8.50 -18.42
C LEU A 782 22.59 -8.67 -17.49
N LEU A 783 22.09 -7.58 -16.91
CA LEU A 783 20.97 -7.67 -15.99
C LEU A 783 19.67 -8.13 -16.64
N ARG A 784 19.66 -8.38 -17.95
CA ARG A 784 18.44 -8.87 -18.60
C ARG A 784 18.35 -10.39 -18.58
N HIS A 785 19.48 -11.08 -18.55
CA HIS A 785 19.48 -12.54 -18.74
C HIS A 785 19.72 -13.32 -17.45
N THR A 786 20.18 -12.69 -16.37
CA THR A 786 20.40 -13.40 -15.13
C THR A 786 19.11 -13.53 -14.33
N TRP A 787 18.95 -14.65 -13.63
CA TRP A 787 17.78 -14.89 -12.81
C TRP A 787 18.08 -15.07 -11.33
N VAL A 788 19.35 -15.26 -10.95
CA VAL A 788 19.70 -15.59 -9.58
C VAL A 788 20.86 -14.70 -9.14
N TYR A 789 20.63 -13.92 -8.08
CA TYR A 789 21.66 -13.09 -7.47
C TYR A 789 21.94 -13.61 -6.06
N ALA A 790 23.19 -13.89 -5.77
CA ALA A 790 23.59 -14.42 -4.47
C ALA A 790 24.66 -13.53 -3.86
N ARG A 791 24.71 -13.53 -2.52
CA ARG A 791 25.72 -12.78 -1.76
C ARG A 791 25.67 -11.29 -2.08
N VAL A 792 24.47 -10.72 -2.17
CA VAL A 792 24.30 -9.29 -2.38
C VAL A 792 24.11 -8.62 -1.03
N SER A 793 24.86 -7.56 -0.79
CA SER A 793 24.75 -6.83 0.46
C SER A 793 23.42 -6.08 0.51
N PRO A 794 22.93 -5.76 1.71
CA PRO A 794 21.64 -5.05 1.82
C PRO A 794 21.62 -3.71 1.09
N SER A 795 22.77 -3.19 0.68
CA SER A 795 22.80 -1.93 -0.05
C SER A 795 22.61 -2.13 -1.55
N GLN A 796 23.11 -3.24 -2.09
CA GLN A 796 23.05 -3.45 -3.53
C GLN A 796 21.67 -3.88 -4.02
N LYS A 797 20.81 -4.36 -3.12
CA LYS A 797 19.43 -4.65 -3.52
C LYS A 797 18.72 -3.40 -4.00
N GLU A 798 18.96 -2.28 -3.33
CA GLU A 798 18.37 -1.02 -3.77
C GLU A 798 18.89 -0.63 -5.15
N PHE A 799 20.19 -0.84 -5.39
CA PHE A 799 20.74 -0.55 -6.71
C PHE A 799 20.11 -1.41 -7.79
N LEU A 800 19.95 -2.71 -7.51
CA LEU A 800 19.36 -3.61 -8.49
C LEU A 800 17.91 -3.22 -8.78
N LEU A 801 17.13 -2.91 -7.74
CA LEU A 801 15.74 -2.52 -7.97
C LEU A 801 15.65 -1.19 -8.71
N ASN A 802 16.54 -0.24 -8.40
CA ASN A 802 16.53 1.03 -9.11
C ASN A 802 16.89 0.83 -10.57
N THR A 803 17.84 -0.05 -10.87
CA THR A 803 18.19 -0.31 -12.26
C THR A 803 17.04 -0.98 -13.00
N LEU A 804 16.38 -1.94 -12.35
CA LEU A 804 15.24 -2.60 -12.99
C LEU A 804 14.10 -1.62 -13.24
N LYS A 805 13.91 -0.65 -12.35
CA LYS A 805 12.91 0.38 -12.59
C LYS A 805 13.35 1.31 -13.72
N ASP A 806 14.65 1.59 -13.81
CA ASP A 806 15.15 2.50 -14.83
C ASP A 806 15.02 1.89 -16.22
N MET A 807 15.20 0.57 -16.33
CA MET A 807 15.04 -0.07 -17.63
C MET A 807 13.60 -0.04 -18.13
N GLY A 808 12.64 0.26 -17.26
CA GLY A 808 11.24 0.28 -17.63
C GLY A 808 10.42 -0.89 -17.13
N TYR A 809 10.98 -1.76 -16.29
CA TYR A 809 10.30 -2.93 -15.79
C TYR A 809 9.76 -2.65 -14.39
N GLN A 810 8.46 -2.86 -14.20
CA GLN A 810 7.89 -2.75 -12.87
C GLN A 810 8.31 -3.96 -12.03
N THR A 811 8.47 -3.74 -10.73
CA THR A 811 9.04 -4.74 -9.84
C THR A 811 8.12 -5.05 -8.68
N LEU A 812 8.19 -6.28 -8.19
CA LEU A 812 7.46 -6.73 -7.00
C LEU A 812 8.41 -7.55 -6.15
N MET A 813 8.81 -7.02 -5.01
CA MET A 813 9.72 -7.71 -4.11
C MET A 813 8.99 -8.16 -2.87
N CYS A 814 9.10 -9.45 -2.55
CA CYS A 814 8.48 -10.03 -1.36
C CYS A 814 9.57 -10.64 -0.50
N GLY A 815 9.78 -10.08 0.70
CA GLY A 815 10.77 -10.57 1.63
C GLY A 815 10.25 -10.52 3.05
N ASP A 816 11.09 -10.97 3.98
CA ASP A 816 10.66 -11.01 5.38
C ASP A 816 10.50 -9.61 5.95
N GLY A 817 11.33 -8.66 5.53
CA GLY A 817 11.12 -7.28 5.90
C GLY A 817 12.09 -6.74 6.93
N THR A 818 12.44 -7.55 7.93
CA THR A 818 13.30 -7.06 9.00
C THR A 818 14.74 -6.89 8.53
N ASN A 819 15.17 -7.67 7.53
CA ASN A 819 16.54 -7.59 7.06
C ASN A 819 16.74 -6.37 6.17
N ASP A 820 15.87 -6.18 5.18
CA ASP A 820 15.99 -5.09 4.21
C ASP A 820 14.64 -4.36 4.15
N VAL A 821 14.47 -3.37 5.03
CA VAL A 821 13.23 -2.60 5.03
C VAL A 821 13.30 -1.49 3.99
N GLY A 822 14.49 -0.98 3.69
CA GLY A 822 14.60 0.07 2.70
C GLY A 822 14.46 -0.40 1.27
N ALA A 823 14.70 -1.70 1.03
CA ALA A 823 14.59 -2.21 -0.34
C ALA A 823 13.15 -2.36 -0.78
N LEU A 824 12.25 -2.68 0.16
CA LEU A 824 10.85 -2.90 -0.20
C LEU A 824 10.20 -1.60 -0.68
N LYS A 825 10.51 -0.48 -0.04
CA LYS A 825 9.90 0.79 -0.44
C LYS A 825 10.40 1.27 -1.79
N GLN A 826 11.51 0.74 -2.30
CA GLN A 826 12.01 1.15 -3.60
C GLN A 826 11.20 0.53 -4.73
N ALA A 827 10.84 -0.74 -4.60
CA ALA A 827 10.07 -1.42 -5.64
C ALA A 827 8.68 -0.81 -5.76
N HIS A 828 8.07 -1.04 -6.92
CA HIS A 828 6.74 -0.49 -7.16
C HIS A 828 5.71 -1.03 -6.18
N VAL A 829 5.87 -2.29 -5.77
CA VAL A 829 4.99 -2.90 -4.78
C VAL A 829 5.81 -3.90 -3.97
N GLY A 830 5.74 -3.81 -2.66
CA GLY A 830 6.49 -4.67 -1.77
C GLY A 830 5.59 -5.42 -0.82
N ILE A 831 5.93 -6.67 -0.53
CA ILE A 831 5.16 -7.52 0.36
C ILE A 831 6.09 -8.05 1.44
N ALA A 832 5.59 -8.13 2.66
CA ALA A 832 6.33 -8.70 3.78
C ALA A 832 5.58 -9.92 4.29
N LEU A 833 6.15 -11.10 4.08
CA LEU A 833 5.51 -12.35 4.48
C LEU A 833 5.94 -12.67 5.92
N LEU A 834 5.05 -12.42 6.87
CA LEU A 834 5.33 -12.71 8.26
C LEU A 834 5.18 -14.21 8.53
N ASN A 835 5.34 -14.60 9.78
CA ASN A 835 5.19 -15.98 10.20
C ASN A 835 3.93 -16.14 11.04
N GLY A 836 3.05 -17.05 10.63
CA GLY A 836 1.82 -17.30 11.35
C GLY A 836 1.18 -18.58 10.86
N THR A 837 0.13 -18.98 11.57
CA THR A 837 -0.59 -20.20 11.25
C THR A 837 -2.07 -19.88 11.02
N GLU A 838 -2.71 -20.70 10.19
CA GLU A 838 -4.13 -20.49 9.90
C GLU A 838 -4.98 -20.75 11.14
N GLU A 839 -4.69 -21.83 11.87
CA GLU A 839 -5.48 -22.13 13.06
C GLU A 839 -5.27 -21.08 14.14
N GLY A 840 -4.05 -20.53 14.23
CA GLY A 840 -3.81 -19.47 15.19
C GLY A 840 -4.63 -18.22 14.90
N LEU A 841 -4.66 -17.80 13.65
CA LEU A 841 -5.46 -16.64 13.28
C LEU A 841 -6.95 -16.92 13.42
N LYS A 842 -7.37 -18.16 13.15
CA LYS A 842 -8.78 -18.50 13.36
C LYS A 842 -9.17 -18.42 14.82
N LYS A 843 -8.32 -18.95 15.71
CA LYS A 843 -8.59 -18.85 17.13
C LYS A 843 -8.57 -17.41 17.62
N LEU A 844 -7.64 -16.60 17.09
CA LEU A 844 -7.59 -15.19 17.46
C LEU A 844 -8.84 -14.45 17.01
N GLY A 845 -9.31 -14.73 15.81
CA GLY A 845 -10.53 -14.10 15.32
C GLY A 845 -11.75 -14.55 16.13
N GLU A 846 -11.80 -15.82 16.50
CA GLU A 846 -12.90 -16.30 17.34
C GLU A 846 -12.89 -15.63 18.70
N GLN A 847 -11.71 -15.47 19.29
CA GLN A 847 -11.61 -14.78 20.59
C GLN A 847 -12.01 -13.32 20.46
N ARG A 848 -11.60 -12.65 19.38
CA ARG A 848 -11.99 -11.27 19.17
C ARG A 848 -13.48 -11.13 18.98
N ARG A 849 -14.10 -12.06 18.25
CA ARG A 849 -15.55 -12.03 18.07
C ARG A 849 -16.28 -12.26 19.39
N LEU A 850 -15.80 -13.22 20.19
CA LEU A 850 -16.42 -13.46 21.49
C LEU A 850 -16.26 -12.28 22.43
N GLU A 851 -15.15 -11.55 22.32
CA GLU A 851 -14.95 -10.37 23.14
C GLU A 851 -15.84 -9.22 22.69
N GLY A 852 -15.97 -9.02 21.38
CA GLY A 852 -16.80 -7.94 20.86
C GLY A 852 -18.29 -8.24 21.00
N ALA A 958 1.94 -7.64 13.50
CA ALA A 958 1.86 -6.65 12.42
C ALA A 958 3.25 -6.16 12.04
N SER A 959 3.48 -6.03 10.73
CA SER A 959 4.78 -5.56 10.26
C SER A 959 4.87 -4.04 10.34
N CYS A 960 3.93 -3.33 9.70
CA CYS A 960 3.87 -1.87 9.71
C CYS A 960 5.17 -1.25 9.19
N ALA A 961 5.91 -1.99 8.37
CA ALA A 961 7.14 -1.48 7.77
C ALA A 961 7.18 -1.59 6.26
N ALA A 962 6.40 -2.48 5.66
CA ALA A 962 6.30 -2.63 4.22
C ALA A 962 4.94 -2.16 3.73
N PRO A 963 4.82 -1.81 2.45
CA PRO A 963 3.50 -1.42 1.92
C PRO A 963 2.43 -2.45 2.16
N PHE A 964 2.63 -3.68 1.72
CA PHE A 964 1.66 -4.76 1.88
C PHE A 964 2.18 -5.77 2.89
N THR A 965 1.30 -6.22 3.77
CA THR A 965 1.64 -7.18 4.80
C THR A 965 0.72 -8.40 4.69
N SER A 966 1.29 -9.58 4.90
CA SER A 966 0.52 -10.83 4.89
C SER A 966 0.72 -11.52 6.23
N LYS A 967 -0.36 -11.65 7.01
CA LYS A 967 -0.25 -12.25 8.33
C LYS A 967 0.09 -13.74 8.25
N LEU A 968 -0.27 -14.39 7.16
CA LEU A 968 -0.01 -15.81 6.99
C LEU A 968 1.29 -16.03 6.23
N ALA A 969 1.96 -17.15 6.53
CA ALA A 969 3.27 -17.43 5.97
C ALA A 969 3.23 -17.99 4.57
N ASN A 970 2.04 -18.34 4.05
CA ASN A 970 1.96 -18.93 2.72
C ASN A 970 2.44 -17.92 1.67
N VAL A 971 2.88 -18.47 0.53
CA VAL A 971 3.44 -17.64 -0.54
C VAL A 971 2.38 -17.20 -1.53
N SER A 972 1.19 -17.79 -1.51
CA SER A 972 0.14 -17.45 -2.47
C SER A 972 -0.35 -16.01 -2.34
N ALA A 973 0.15 -15.24 -1.37
CA ALA A 973 -0.25 -13.84 -1.27
C ALA A 973 0.16 -13.06 -2.50
N VAL A 974 1.28 -13.41 -3.13
CA VAL A 974 1.71 -12.73 -4.35
C VAL A 974 0.70 -12.92 -5.46
N THR A 975 0.33 -14.16 -5.74
CA THR A 975 -0.70 -14.44 -6.74
C THR A 975 -2.00 -13.73 -6.38
N ASN A 976 -2.37 -13.75 -5.10
CA ASN A 976 -3.62 -13.13 -4.68
C ASN A 976 -3.63 -11.64 -5.00
N ILE A 977 -2.57 -10.93 -4.62
CA ILE A 977 -2.56 -9.48 -4.81
C ILE A 977 -2.47 -9.13 -6.29
N ILE A 978 -1.71 -9.91 -7.07
CA ILE A 978 -1.63 -9.65 -8.50
C ILE A 978 -3.00 -9.82 -9.15
N ARG A 979 -3.69 -10.90 -8.81
CA ARG A 979 -5.02 -11.14 -9.36
C ARG A 979 -5.98 -10.03 -8.98
N GLN A 980 -5.93 -9.56 -7.73
CA GLN A 980 -6.87 -8.52 -7.30
C GLN A 980 -6.58 -7.20 -8.01
N GLY A 981 -5.30 -6.86 -8.20
CA GLY A 981 -4.99 -5.66 -8.96
C GLY A 981 -5.47 -5.75 -10.40
N ARG A 982 -5.28 -6.92 -11.03
CA ARG A 982 -5.77 -7.13 -12.39
C ARG A 982 -7.28 -6.92 -12.47
N CYS A 983 -8.01 -7.50 -11.53
CA CYS A 983 -9.46 -7.37 -11.53
C CYS A 983 -9.89 -5.93 -11.32
N ALA A 984 -9.19 -5.20 -10.45
CA ALA A 984 -9.53 -3.80 -10.23
C ALA A 984 -9.36 -2.98 -11.50
N LEU A 985 -8.22 -3.18 -12.19
CA LEU A 985 -8.00 -2.47 -13.45
C LEU A 985 -9.10 -2.78 -14.47
N VAL A 986 -9.43 -4.06 -14.63
CA VAL A 986 -10.37 -4.41 -15.69
C VAL A 986 -11.78 -3.93 -15.34
N ASN A 987 -12.12 -3.91 -14.04
CA ASN A 987 -13.41 -3.36 -13.63
C ASN A 987 -13.49 -1.87 -13.92
N THR A 988 -12.40 -1.14 -13.64
CA THR A 988 -12.37 0.27 -13.99
C THR A 988 -12.61 0.47 -15.49
N ILE A 989 -11.98 -0.35 -16.32
CA ILE A 989 -12.15 -0.22 -17.77
C ILE A 989 -13.61 -0.41 -18.16
N GLN A 990 -14.23 -1.49 -17.67
CA GLN A 990 -15.61 -1.75 -18.09
C GLN A 990 -16.55 -0.67 -17.58
N MET A 991 -16.30 -0.12 -16.38
CA MET A 991 -17.18 0.93 -15.89
C MET A 991 -17.04 2.21 -16.72
N TYR A 992 -15.81 2.54 -17.12
CA TYR A 992 -15.63 3.66 -18.05
C TYR A 992 -16.48 3.48 -19.29
N LYS A 993 -16.33 2.33 -19.96
CA LYS A 993 -17.04 2.10 -21.21
C LYS A 993 -18.56 2.19 -21.01
N ILE A 994 -19.07 1.52 -19.98
CA ILE A 994 -20.51 1.42 -19.79
C ILE A 994 -21.10 2.79 -19.47
N LEU A 995 -20.45 3.55 -18.57
CA LEU A 995 -20.99 4.86 -18.21
C LEU A 995 -20.99 5.79 -19.42
N ALA A 996 -19.90 5.81 -20.19
CA ALA A 996 -19.86 6.70 -21.34
C ALA A 996 -20.95 6.35 -22.35
N LEU A 997 -21.11 5.05 -22.64
CA LEU A 997 -22.10 4.66 -23.65
C LEU A 997 -23.52 4.94 -23.18
N ASN A 998 -23.83 4.63 -21.92
CA ASN A 998 -25.17 4.93 -21.41
C ASN A 998 -25.47 6.41 -21.46
N CYS A 999 -24.50 7.25 -21.08
CA CYS A 999 -24.73 8.69 -21.11
C CYS A 999 -24.99 9.18 -22.53
N LEU A 1000 -24.19 8.72 -23.49
CA LEU A 1000 -24.40 9.16 -24.87
C LEU A 1000 -25.75 8.71 -25.41
N ILE A 1001 -26.14 7.46 -25.13
CA ILE A 1001 -27.43 6.95 -25.61
C ILE A 1001 -28.57 7.76 -25.03
N SER A 1002 -28.54 8.00 -23.71
CA SER A 1002 -29.60 8.76 -23.08
C SER A 1002 -29.68 10.17 -23.66
N ALA A 1003 -28.53 10.80 -23.88
CA ALA A 1003 -28.52 12.16 -24.42
C ALA A 1003 -29.15 12.21 -25.79
N TYR A 1004 -28.75 11.30 -26.68
CA TYR A 1004 -29.27 11.40 -28.04
C TYR A 1004 -30.74 10.98 -28.12
N SER A 1005 -31.18 10.06 -27.25
CA SER A 1005 -32.60 9.75 -27.20
C SER A 1005 -33.41 10.96 -26.74
N LEU A 1006 -32.95 11.63 -25.68
CA LEU A 1006 -33.63 12.85 -25.24
C LEU A 1006 -33.64 13.90 -26.35
N SER A 1007 -32.56 13.98 -27.12
CA SER A 1007 -32.52 14.94 -28.22
C SER A 1007 -33.57 14.62 -29.27
N ILE A 1008 -33.63 13.35 -29.70
CA ILE A 1008 -34.61 12.95 -30.71
C ILE A 1008 -36.02 13.20 -30.23
N ILE A 1009 -36.28 13.06 -28.94
CA ILE A 1009 -37.61 13.38 -28.42
C ILE A 1009 -37.85 14.89 -28.45
N TYR A 1010 -36.95 15.66 -27.84
CA TYR A 1010 -37.20 17.09 -27.67
C TYR A 1010 -37.15 17.88 -28.97
N MET A 1011 -36.66 17.29 -30.06
CA MET A 1011 -36.74 17.97 -31.35
C MET A 1011 -38.19 18.33 -31.67
N ALA A 1012 -39.11 17.40 -31.43
CA ALA A 1012 -40.53 17.66 -31.54
C ALA A 1012 -41.05 18.11 -30.16
N GLY A 1013 -42.37 18.10 -29.97
CA GLY A 1013 -42.92 18.54 -28.71
C GLY A 1013 -43.09 17.48 -27.64
N VAL A 1014 -42.80 16.22 -27.93
CA VAL A 1014 -43.09 15.16 -26.97
C VAL A 1014 -42.05 15.18 -25.84
N LYS A 1015 -42.39 14.53 -24.74
CA LYS A 1015 -41.46 14.31 -23.64
C LYS A 1015 -41.97 13.18 -22.78
N PHE A 1016 -41.06 12.57 -22.03
CA PHE A 1016 -41.43 11.52 -21.10
C PHE A 1016 -42.32 12.07 -19.99
N GLY A 1017 -42.99 11.17 -19.30
CA GLY A 1017 -43.77 11.51 -18.11
C GLY A 1017 -42.95 11.39 -16.84
N ASP A 1018 -43.59 10.93 -15.78
CA ASP A 1018 -42.90 10.60 -14.54
C ASP A 1018 -42.74 9.11 -14.35
N GLY A 1019 -43.81 8.34 -14.54
CA GLY A 1019 -43.74 6.91 -14.35
C GLY A 1019 -42.78 6.24 -15.31
N GLN A 1020 -42.75 6.69 -16.56
CA GLN A 1020 -41.87 6.08 -17.55
C GLN A 1020 -40.41 6.29 -17.20
N ALA A 1021 -40.03 7.52 -16.87
CA ALA A 1021 -38.64 7.78 -16.51
C ALA A 1021 -38.26 7.08 -15.21
N THR A 1022 -39.19 7.02 -14.25
CA THR A 1022 -38.89 6.33 -13.00
C THR A 1022 -38.67 4.84 -13.21
N VAL A 1023 -39.52 4.22 -14.04
CA VAL A 1023 -39.36 2.79 -14.33
C VAL A 1023 -38.05 2.56 -15.07
N SER A 1024 -37.68 3.46 -15.98
CA SER A 1024 -36.39 3.34 -16.64
C SER A 1024 -35.25 3.38 -15.63
N GLY A 1025 -35.30 4.33 -14.71
CA GLY A 1025 -34.27 4.42 -13.70
C GLY A 1025 -34.16 3.17 -12.84
N LEU A 1026 -35.31 2.63 -12.44
CA LEU A 1026 -35.29 1.43 -11.59
C LEU A 1026 -34.77 0.21 -12.36
N LEU A 1027 -35.24 0.03 -13.60
CA LEU A 1027 -34.79 -1.12 -14.37
C LEU A 1027 -33.33 -1.02 -14.76
N LEU A 1028 -32.74 0.18 -14.76
CA LEU A 1028 -31.30 0.26 -14.96
C LEU A 1028 -30.54 0.09 -13.65
N SER A 1029 -31.09 0.56 -12.54
CA SER A 1029 -30.43 0.35 -11.25
C SER A 1029 -30.39 -1.12 -10.88
N VAL A 1030 -31.39 -1.89 -11.30
CA VAL A 1030 -31.38 -3.33 -11.03
C VAL A 1030 -30.15 -3.99 -11.64
N CYS A 1031 -29.77 -3.58 -12.85
CA CYS A 1031 -28.57 -4.12 -13.47
C CYS A 1031 -27.30 -3.52 -12.88
N PHE A 1032 -27.34 -2.23 -12.53
CA PHE A 1032 -26.19 -1.61 -11.87
C PHE A 1032 -25.83 -2.33 -10.58
N LEU A 1033 -26.83 -2.85 -9.86
CA LEU A 1033 -26.55 -3.58 -8.63
C LEU A 1033 -25.76 -4.86 -8.93
N SER A 1034 -26.21 -5.64 -9.89
CA SER A 1034 -25.62 -6.95 -10.12
C SER A 1034 -24.28 -6.87 -10.83
N ILE A 1035 -24.07 -5.85 -11.66
CA ILE A 1035 -22.89 -5.85 -12.52
C ILE A 1035 -21.60 -5.72 -11.73
N SER A 1036 -21.66 -5.17 -10.51
CA SER A 1036 -20.44 -5.05 -9.72
C SER A 1036 -19.97 -6.40 -9.20
N ARG A 1037 -20.90 -7.34 -8.98
CA ARG A 1037 -20.54 -8.64 -8.45
C ARG A 1037 -19.78 -9.45 -9.49
N GLY A 1038 -18.84 -10.25 -9.02
CA GLY A 1038 -18.07 -11.12 -9.91
C GLY A 1038 -17.00 -11.88 -9.15
N LYS A 1039 -16.69 -13.09 -9.61
CA LYS A 1039 -15.68 -13.91 -8.96
C LYS A 1039 -14.49 -14.09 -9.90
N PRO A 1040 -13.29 -13.68 -9.51
CA PRO A 1040 -12.14 -13.84 -10.40
C PRO A 1040 -11.77 -15.29 -10.60
N LEU A 1041 -11.31 -15.60 -11.81
CA LEU A 1041 -10.82 -16.95 -12.10
C LEU A 1041 -9.55 -17.22 -11.32
N GLU A 1042 -9.41 -18.47 -10.85
CA GLU A 1042 -8.28 -18.81 -9.99
C GLU A 1042 -6.97 -18.70 -10.74
N LYS A 1043 -6.90 -19.23 -11.96
CA LYS A 1043 -5.67 -19.19 -12.74
C LYS A 1043 -5.52 -17.86 -13.44
N LEU A 1044 -4.32 -17.28 -13.35
CA LEU A 1044 -4.04 -16.04 -14.05
C LEU A 1044 -3.96 -16.29 -15.55
N SER A 1045 -4.05 -15.21 -16.32
CA SER A 1045 -4.03 -15.29 -17.77
C SER A 1045 -2.84 -14.53 -18.34
N LYS A 1046 -2.51 -14.85 -19.59
CA LYS A 1046 -1.36 -14.23 -20.24
C LYS A 1046 -1.64 -12.81 -20.71
N GLN A 1047 -2.91 -12.43 -20.85
CA GLN A 1047 -3.29 -11.11 -21.34
C GLN A 1047 -3.28 -10.12 -20.20
N ARG A 1048 -2.43 -9.12 -20.28
CA ARG A 1048 -2.36 -8.09 -19.25
C ARG A 1048 -3.18 -6.88 -19.67
N PRO A 1049 -4.05 -6.37 -18.81
CA PRO A 1049 -4.86 -5.20 -19.18
C PRO A 1049 -4.04 -3.93 -19.17
N GLN A 1050 -4.29 -3.08 -20.16
CA GLN A 1050 -3.54 -1.84 -20.31
C GLN A 1050 -4.21 -0.73 -19.51
N SER A 1051 -3.38 0.12 -18.91
CA SER A 1051 -3.88 1.25 -18.13
C SER A 1051 -3.97 2.50 -18.99
N GLY A 1052 -4.82 3.41 -18.57
CA GLY A 1052 -5.05 4.65 -19.30
C GLY A 1052 -6.43 4.66 -19.93
N ILE A 1053 -7.04 5.84 -19.96
CA ILE A 1053 -8.37 5.97 -20.55
C ILE A 1053 -8.29 6.03 -22.06
N PHE A 1054 -7.39 6.85 -22.60
CA PHE A 1054 -7.29 7.07 -24.04
C PHE A 1054 -6.39 6.02 -24.66
N ASN A 1055 -6.99 5.10 -25.40
CA ASN A 1055 -6.26 4.11 -26.17
C ASN A 1055 -7.17 3.65 -27.30
N VAL A 1056 -6.62 2.84 -28.20
CA VAL A 1056 -7.38 2.44 -29.39
C VAL A 1056 -8.61 1.64 -28.99
N TYR A 1057 -8.46 0.75 -28.01
CA TYR A 1057 -9.56 -0.15 -27.64
C TYR A 1057 -10.78 0.62 -27.16
N ILE A 1058 -10.61 1.40 -26.09
CA ILE A 1058 -11.75 2.07 -25.47
C ILE A 1058 -12.42 3.04 -26.44
N MET A 1059 -11.63 3.92 -27.05
CA MET A 1059 -12.22 4.93 -27.92
C MET A 1059 -12.86 4.30 -29.15
N GLY A 1060 -12.18 3.32 -29.76
CA GLY A 1060 -12.78 2.65 -30.91
C GLY A 1060 -14.08 1.96 -30.57
N SER A 1061 -14.09 1.21 -29.46
CA SER A 1061 -15.32 0.51 -29.06
C SER A 1061 -16.45 1.48 -28.79
N ILE A 1062 -16.16 2.54 -28.02
CA ILE A 1062 -17.21 3.51 -27.67
C ILE A 1062 -17.77 4.16 -28.94
N LEU A 1063 -16.89 4.67 -29.80
CA LEU A 1063 -17.37 5.39 -30.97
C LEU A 1063 -18.15 4.47 -31.91
N SER A 1064 -17.69 3.23 -32.09
CA SER A 1064 -18.38 2.37 -33.05
C SER A 1064 -19.71 1.87 -32.50
N GLN A 1065 -19.76 1.52 -31.21
CA GLN A 1065 -21.04 1.16 -30.62
C GLN A 1065 -22.02 2.32 -30.67
N PHE A 1066 -21.53 3.54 -30.44
CA PHE A 1066 -22.40 4.70 -30.54
C PHE A 1066 -22.89 4.89 -31.97
N ALA A 1067 -22.04 4.60 -32.96
CA ALA A 1067 -22.47 4.69 -34.35
C ALA A 1067 -23.59 3.71 -34.64
N VAL A 1068 -23.44 2.47 -34.18
CA VAL A 1068 -24.50 1.47 -34.40
C VAL A 1068 -25.80 1.90 -33.73
N HIS A 1069 -25.70 2.41 -32.49
CA HIS A 1069 -26.90 2.80 -31.77
C HIS A 1069 -27.59 3.98 -32.44
N ILE A 1070 -26.82 4.96 -32.93
CA ILE A 1070 -27.46 6.09 -33.58
C ILE A 1070 -28.05 5.69 -34.91
N ALA A 1071 -27.46 4.71 -35.59
CA ALA A 1071 -28.07 4.21 -36.83
C ALA A 1071 -29.42 3.58 -36.55
N THR A 1072 -29.49 2.70 -35.54
CA THR A 1072 -30.77 2.11 -35.15
C THR A 1072 -31.79 3.18 -34.79
N LEU A 1073 -31.38 4.16 -33.98
CA LEU A 1073 -32.30 5.18 -33.50
C LEU A 1073 -32.84 6.02 -34.65
N VAL A 1074 -31.96 6.42 -35.58
CA VAL A 1074 -32.39 7.24 -36.71
C VAL A 1074 -33.32 6.46 -37.62
N TYR A 1075 -33.04 5.17 -37.84
CA TYR A 1075 -33.93 4.38 -38.68
C TYR A 1075 -35.32 4.28 -38.08
N ILE A 1076 -35.41 3.95 -36.79
CA ILE A 1076 -36.74 3.79 -36.19
C ILE A 1076 -37.46 5.14 -36.12
N THR A 1077 -36.72 6.22 -35.89
CA THR A 1077 -37.35 7.54 -35.88
C THR A 1077 -37.91 7.88 -37.24
N THR A 1078 -37.18 7.56 -38.31
CA THR A 1078 -37.70 7.77 -39.65
C THR A 1078 -38.98 6.98 -39.87
N GLU A 1079 -39.00 5.72 -39.42
CA GLU A 1079 -40.21 4.91 -39.59
C GLU A 1079 -41.38 5.49 -38.83
N ILE A 1080 -41.16 5.91 -37.58
CA ILE A 1080 -42.24 6.47 -36.77
C ILE A 1080 -42.78 7.74 -37.40
N TYR A 1081 -41.89 8.62 -37.86
CA TYR A 1081 -42.36 9.83 -38.53
C TYR A 1081 -43.08 9.52 -39.83
N LYS A 1082 -42.73 8.42 -40.50
CA LYS A 1082 -43.51 8.00 -41.66
C LYS A 1082 -44.92 7.59 -41.25
N LEU A 1083 -45.05 6.92 -40.11
CA LEU A 1083 -46.38 6.46 -39.69
C LEU A 1083 -47.30 7.62 -39.34
N GLU A 1084 -46.84 8.55 -38.50
CA GLU A 1084 -47.63 9.72 -38.13
C GLU A 1084 -46.81 10.98 -38.38
N PRO A 1085 -47.29 11.91 -39.20
CA PRO A 1085 -46.53 13.15 -39.43
C PRO A 1085 -46.96 14.26 -38.48
N ARG A 1086 -45.96 14.97 -37.96
CA ARG A 1086 -46.21 16.13 -37.12
C ARG A 1086 -45.98 17.40 -37.92
N GLU A 1087 -46.85 18.39 -37.70
CA GLU A 1087 -46.84 19.62 -38.45
C GLU A 1087 -46.36 20.77 -37.57
N PRO A 1088 -45.57 21.70 -38.12
CA PRO A 1088 -45.12 22.84 -37.30
C PRO A 1088 -46.28 23.69 -36.80
N GLN A 1089 -46.48 23.70 -35.49
CA GLN A 1089 -47.53 24.49 -34.87
C GLN A 1089 -46.94 25.76 -34.28
N VAL A 1090 -47.79 26.77 -34.12
CA VAL A 1090 -47.36 28.03 -33.54
C VAL A 1090 -47.36 27.92 -32.02
N ASP A 1091 -46.23 28.29 -31.40
CA ASP A 1091 -46.11 28.36 -29.94
C ASP A 1091 -46.40 27.03 -29.28
N LEU A 1092 -45.61 26.03 -29.65
CA LEU A 1092 -45.77 24.69 -29.08
C LEU A 1092 -45.27 24.66 -27.63
N GLU A 1093 -45.87 23.77 -26.86
CA GLU A 1093 -45.46 23.52 -25.48
C GLU A 1093 -45.31 22.03 -25.28
N LYS A 1094 -44.15 21.60 -24.78
CA LYS A 1094 -43.90 20.18 -24.62
C LYS A 1094 -44.75 19.62 -23.49
N GLU A 1095 -45.50 18.57 -23.79
CA GLU A 1095 -46.42 17.97 -22.84
C GLU A 1095 -46.52 16.48 -23.11
N PHE A 1096 -46.86 15.73 -22.07
CA PHE A 1096 -46.89 14.27 -22.16
C PHE A 1096 -48.28 13.81 -22.59
N ALA A 1097 -48.36 13.20 -23.77
CA ALA A 1097 -49.56 12.58 -24.28
C ALA A 1097 -49.16 11.30 -25.01
N PRO A 1098 -49.99 10.26 -24.96
CA PRO A 1098 -49.62 9.00 -25.60
C PRO A 1098 -49.52 9.16 -27.10
N SER A 1099 -48.39 8.71 -27.66
CA SER A 1099 -48.15 8.83 -29.09
C SER A 1099 -47.12 7.78 -29.49
N LEU A 1100 -47.04 7.52 -30.80
CA LEU A 1100 -46.13 6.51 -31.30
C LEU A 1100 -44.68 6.86 -31.03
N LEU A 1101 -44.33 8.14 -31.18
CA LEU A 1101 -42.94 8.55 -31.01
C LEU A 1101 -42.46 8.28 -29.59
N ASN A 1102 -43.27 8.64 -28.59
CA ASN A 1102 -42.90 8.41 -27.20
C ASN A 1102 -42.68 6.92 -26.94
N THR A 1103 -43.63 6.08 -27.36
CA THR A 1103 -43.49 4.64 -27.18
C THR A 1103 -42.22 4.12 -27.83
N GLY A 1104 -42.03 4.41 -29.11
CA GLY A 1104 -40.87 3.88 -29.81
C GLY A 1104 -39.57 4.29 -29.16
N ILE A 1105 -39.41 5.58 -28.88
CA ILE A 1105 -38.13 6.05 -28.36
C ILE A 1105 -37.90 5.53 -26.95
N PHE A 1106 -38.96 5.43 -26.15
CA PHE A 1106 -38.76 4.92 -24.79
C PHE A 1106 -38.33 3.47 -24.80
N ILE A 1107 -39.01 2.63 -25.59
CA ILE A 1107 -38.63 1.23 -25.65
C ILE A 1107 -37.21 1.08 -26.19
N ILE A 1108 -36.83 1.88 -27.19
CA ILE A 1108 -35.48 1.78 -27.72
C ILE A 1108 -34.46 2.19 -26.68
N GLN A 1109 -34.71 3.26 -25.94
CA GLN A 1109 -33.77 3.67 -24.90
C GLN A 1109 -33.59 2.57 -23.86
N LEU A 1110 -34.71 2.04 -23.34
CA LEU A 1110 -34.62 1.04 -22.28
C LEU A 1110 -34.05 -0.28 -22.76
N VAL A 1111 -34.17 -0.59 -24.05
CA VAL A 1111 -33.59 -1.84 -24.55
C VAL A 1111 -32.12 -1.65 -24.87
N GLN A 1112 -31.73 -0.49 -25.40
CA GLN A 1112 -30.34 -0.29 -25.78
C GLN A 1112 -29.44 -0.12 -24.57
N GLN A 1113 -29.94 0.48 -23.49
CA GLN A 1113 -29.09 0.55 -22.30
C GLN A 1113 -28.81 -0.84 -21.73
N VAL A 1114 -29.81 -1.71 -21.71
CA VAL A 1114 -29.59 -3.09 -21.27
C VAL A 1114 -28.69 -3.82 -22.26
N SER A 1115 -28.82 -3.52 -23.55
CA SER A 1115 -27.95 -4.13 -24.55
C SER A 1115 -26.49 -3.79 -24.28
N THR A 1116 -26.20 -2.53 -23.94
CA THR A 1116 -24.83 -2.17 -23.60
C THR A 1116 -24.40 -2.85 -22.31
N PHE A 1117 -25.27 -2.90 -21.30
CA PHE A 1117 -24.95 -3.58 -20.06
C PHE A 1117 -24.54 -5.04 -20.31
N ALA A 1118 -25.18 -5.69 -21.27
CA ALA A 1118 -24.90 -7.10 -21.54
C ALA A 1118 -23.75 -7.31 -22.50
N VAL A 1119 -23.48 -6.35 -23.38
CA VAL A 1119 -22.40 -6.52 -24.34
C VAL A 1119 -21.05 -6.17 -23.73
N ASN A 1120 -20.99 -5.05 -23.01
CA ASN A 1120 -19.72 -4.55 -22.48
C ASN A 1120 -19.36 -5.17 -21.12
N TYR A 1121 -19.92 -6.32 -20.79
CA TYR A 1121 -19.51 -7.02 -19.59
C TYR A 1121 -18.19 -7.75 -19.83
N GLN A 1122 -17.40 -7.86 -18.77
CA GLN A 1122 -16.03 -8.32 -18.92
C GLN A 1122 -15.97 -9.81 -19.24
N GLY A 1123 -15.00 -10.17 -20.06
CA GLY A 1123 -14.92 -11.52 -20.58
C GLY A 1123 -14.49 -12.53 -19.54
N GLU A 1124 -14.45 -13.78 -19.99
CA GLU A 1124 -14.04 -14.87 -19.11
C GLU A 1124 -12.59 -14.80 -18.66
N PRO A 1125 -11.59 -14.54 -19.51
CA PRO A 1125 -10.19 -14.77 -19.09
C PRO A 1125 -9.79 -14.00 -17.85
N PHE A 1126 -10.24 -12.75 -17.70
CA PHE A 1126 -9.83 -11.96 -16.56
C PHE A 1126 -10.57 -12.36 -15.29
N ARG A 1127 -11.90 -12.21 -15.27
CA ARG A 1127 -12.61 -12.52 -14.04
C ARG A 1127 -13.55 -13.71 -14.17
N GLU A 1128 -14.55 -13.64 -15.05
CA GLU A 1128 -15.58 -14.66 -15.08
C GLU A 1128 -16.52 -14.40 -16.26
N ASN A 1129 -17.19 -15.45 -16.71
CA ASN A 1129 -18.16 -15.33 -17.78
C ASN A 1129 -19.47 -14.77 -17.25
N ILE A 1130 -20.32 -14.29 -18.16
CA ILE A 1130 -21.59 -13.71 -17.77
C ILE A 1130 -22.55 -14.79 -17.28
N ARG A 1131 -22.47 -15.99 -17.85
CA ARG A 1131 -23.44 -17.03 -17.51
C ARG A 1131 -23.20 -17.58 -16.10
N SER A 1132 -21.94 -17.63 -15.67
CA SER A 1132 -21.62 -18.31 -14.42
C SER A 1132 -22.32 -17.66 -13.23
N ASN A 1133 -22.23 -16.34 -13.10
CA ASN A 1133 -22.89 -15.65 -12.00
C ASN A 1133 -24.35 -15.41 -12.35
N LYS A 1134 -25.25 -15.78 -11.44
CA LYS A 1134 -26.67 -15.73 -11.71
C LYS A 1134 -27.27 -14.36 -11.41
N GLY A 1135 -26.68 -13.63 -10.46
CA GLY A 1135 -27.26 -12.35 -10.06
C GLY A 1135 -27.39 -11.36 -11.20
N MET A 1136 -26.50 -11.43 -12.19
CA MET A 1136 -26.58 -10.56 -13.35
C MET A 1136 -27.36 -11.21 -14.49
N TYR A 1137 -27.16 -12.50 -14.70
CA TYR A 1137 -27.84 -13.21 -15.79
C TYR A 1137 -29.34 -13.12 -15.63
N TYR A 1138 -29.85 -13.45 -14.43
CA TYR A 1138 -31.29 -13.44 -14.23
C TYR A 1138 -31.86 -12.04 -14.27
N GLY A 1139 -31.13 -11.05 -13.75
CA GLY A 1139 -31.60 -9.68 -13.83
C GLY A 1139 -31.74 -9.21 -15.26
N LEU A 1140 -30.71 -9.45 -16.08
CA LEU A 1140 -30.79 -9.04 -17.48
C LEU A 1140 -31.88 -9.79 -18.21
N LEU A 1141 -32.04 -11.09 -17.94
CA LEU A 1141 -33.11 -11.83 -18.60
C LEU A 1141 -34.48 -11.28 -18.21
N GLY A 1142 -34.67 -10.93 -16.94
CA GLY A 1142 -35.94 -10.38 -16.52
C GLY A 1142 -36.24 -9.04 -17.16
N VAL A 1143 -35.26 -8.15 -17.19
CA VAL A 1143 -35.49 -6.83 -17.77
C VAL A 1143 -35.74 -6.94 -19.28
N THR A 1144 -34.98 -7.80 -19.97
CA THR A 1144 -35.21 -7.99 -21.39
C THR A 1144 -36.55 -8.66 -21.66
N GLY A 1145 -36.99 -9.55 -20.77
CA GLY A 1145 -38.31 -10.14 -20.93
C GLY A 1145 -39.42 -9.12 -20.77
N LEU A 1146 -39.29 -8.23 -19.79
CA LEU A 1146 -40.27 -7.16 -19.65
C LEU A 1146 -40.29 -6.26 -20.89
N ALA A 1147 -39.10 -5.89 -21.38
CA ALA A 1147 -39.04 -5.02 -22.55
C ALA A 1147 -39.61 -5.70 -23.78
N LEU A 1148 -39.39 -7.00 -23.93
CA LEU A 1148 -39.89 -7.71 -25.10
C LEU A 1148 -41.39 -7.95 -25.01
N ALA A 1149 -41.92 -8.13 -23.80
CA ALA A 1149 -43.37 -8.21 -23.64
C ALA A 1149 -44.01 -6.86 -23.88
N SER A 1150 -43.29 -5.77 -23.61
CA SER A 1150 -43.84 -4.45 -23.92
C SER A 1150 -43.82 -4.17 -25.41
N ALA A 1151 -42.73 -4.53 -26.09
CA ALA A 1151 -42.59 -4.21 -27.51
C ALA A 1151 -43.53 -5.04 -28.37
N THR A 1152 -43.77 -6.28 -27.98
CA THR A 1152 -44.60 -7.19 -28.78
C THR A 1152 -46.08 -7.09 -28.41
N GLU A 1153 -46.43 -6.34 -27.36
CA GLU A 1153 -47.80 -6.25 -26.87
C GLU A 1153 -48.33 -7.62 -26.47
N PHE A 1154 -47.51 -8.37 -25.73
CA PHE A 1154 -47.92 -9.70 -25.29
C PHE A 1154 -48.93 -9.62 -24.16
N LEU A 1155 -48.78 -8.66 -23.27
CA LEU A 1155 -49.75 -8.41 -22.19
C LEU A 1155 -50.39 -7.05 -22.38
N PRO A 1156 -51.62 -6.96 -22.90
CA PRO A 1156 -52.23 -5.66 -23.10
C PRO A 1156 -52.41 -4.87 -21.81
N GLU A 1157 -52.49 -5.55 -20.66
CA GLU A 1157 -52.61 -4.84 -19.39
C GLU A 1157 -51.37 -3.99 -19.12
N LEU A 1158 -50.19 -4.49 -19.49
CA LEU A 1158 -48.97 -3.74 -19.26
C LEU A 1158 -48.90 -2.50 -20.14
N ASN A 1159 -49.26 -2.64 -21.41
CA ASN A 1159 -49.27 -1.48 -22.31
C ASN A 1159 -50.31 -0.46 -21.87
N GLU A 1160 -51.49 -0.92 -21.45
CA GLU A 1160 -52.52 0.02 -21.02
C GLU A 1160 -52.13 0.72 -19.74
N ALA A 1161 -51.47 0.01 -18.82
CA ALA A 1161 -51.15 0.59 -17.52
C ALA A 1161 -50.00 1.58 -17.59
N MET A 1162 -49.16 1.51 -18.62
CA MET A 1162 -48.01 2.39 -18.73
C MET A 1162 -48.17 3.42 -19.84
N LYS A 1163 -49.37 3.59 -20.37
CA LYS A 1163 -49.68 4.59 -21.39
C LYS A 1163 -48.82 4.42 -22.63
N PHE A 1164 -48.98 3.27 -23.27
CA PHE A 1164 -48.36 2.98 -24.56
C PHE A 1164 -49.44 2.92 -25.61
N VAL A 1165 -49.24 3.62 -26.73
CA VAL A 1165 -50.23 3.61 -27.81
C VAL A 1165 -50.22 2.25 -28.49
N PRO A 1166 -51.37 1.69 -28.86
CA PRO A 1166 -51.37 0.42 -29.61
C PRO A 1166 -50.70 0.60 -30.96
N MET A 1167 -49.73 -0.27 -31.23
CA MET A 1167 -48.91 -0.18 -32.44
C MET A 1167 -49.49 -1.04 -33.56
N THR A 1168 -49.23 -0.61 -34.79
CA THR A 1168 -49.68 -1.36 -35.95
C THR A 1168 -48.97 -2.71 -36.02
N ASP A 1169 -49.60 -3.67 -36.70
CA ASP A 1169 -49.03 -5.00 -36.80
C ASP A 1169 -47.72 -5.01 -37.57
N ASP A 1170 -47.57 -4.11 -38.56
CA ASP A 1170 -46.33 -4.07 -39.33
C ASP A 1170 -45.20 -3.42 -38.55
N PHE A 1171 -45.51 -2.44 -37.70
CA PHE A 1171 -44.47 -1.69 -37.03
C PHE A 1171 -43.80 -2.47 -35.92
N LYS A 1172 -44.53 -3.38 -35.25
CA LYS A 1172 -43.92 -4.19 -34.21
C LYS A 1172 -42.80 -5.06 -34.76
N ILE A 1173 -42.99 -5.61 -35.96
CA ILE A 1173 -41.98 -6.45 -36.57
C ILE A 1173 -40.69 -5.66 -36.79
N LYS A 1174 -40.83 -4.46 -37.36
CA LYS A 1174 -39.65 -3.62 -37.58
C LYS A 1174 -38.97 -3.29 -36.28
N LEU A 1175 -39.74 -2.92 -35.26
CA LEU A 1175 -39.14 -2.56 -33.97
C LEU A 1175 -38.36 -3.73 -33.38
N THR A 1176 -38.99 -4.91 -33.30
CA THR A 1176 -38.36 -6.06 -32.68
C THR A 1176 -37.13 -6.50 -33.45
N LEU A 1177 -37.25 -6.64 -34.77
CA LEU A 1177 -36.10 -7.08 -35.57
C LEU A 1177 -34.97 -6.07 -35.52
N THR A 1178 -35.31 -4.77 -35.50
CA THR A 1178 -34.26 -3.75 -35.43
C THR A 1178 -33.51 -3.82 -34.12
N LEU A 1179 -34.21 -3.97 -33.00
CA LEU A 1179 -33.51 -4.11 -31.72
C LEU A 1179 -32.67 -5.37 -31.68
N LEU A 1180 -33.22 -6.50 -32.14
CA LEU A 1180 -32.51 -7.77 -32.09
C LEU A 1180 -31.30 -7.77 -33.00
N LEU A 1181 -31.33 -6.99 -34.08
CA LEU A 1181 -30.17 -6.88 -34.96
C LEU A 1181 -29.15 -5.89 -34.42
N ASP A 1182 -29.60 -4.83 -33.77
CA ASP A 1182 -28.69 -3.88 -33.15
C ASP A 1182 -27.87 -4.55 -32.05
N PHE A 1183 -28.49 -5.42 -31.28
CA PHE A 1183 -27.73 -6.13 -30.25
C PHE A 1183 -26.60 -6.94 -30.87
N PHE A 1184 -26.90 -7.69 -31.93
CA PHE A 1184 -25.87 -8.51 -32.57
C PHE A 1184 -24.78 -7.65 -33.18
N GLY A 1185 -25.15 -6.52 -33.79
CA GLY A 1185 -24.13 -5.65 -34.34
C GLY A 1185 -23.19 -5.11 -33.29
N SER A 1186 -23.76 -4.63 -32.17
CA SER A 1186 -22.93 -4.12 -31.08
C SER A 1186 -22.02 -5.21 -30.55
N TRP A 1187 -22.55 -6.41 -30.35
CA TRP A 1187 -21.74 -7.52 -29.84
C TRP A 1187 -20.60 -7.83 -30.79
N GLY A 1188 -20.88 -7.91 -32.09
CA GLY A 1188 -19.84 -8.22 -33.05
C GLY A 1188 -18.73 -7.18 -33.05
N VAL A 1189 -19.10 -5.90 -33.04
CA VAL A 1189 -18.10 -4.84 -33.06
C VAL A 1189 -17.25 -4.89 -31.80
N GLU A 1190 -17.89 -5.00 -30.63
CA GLU A 1190 -17.13 -5.03 -29.39
C GLU A 1190 -16.20 -6.23 -29.35
N HIS A 1191 -16.66 -7.40 -29.83
CA HIS A 1191 -15.81 -8.57 -29.83
C HIS A 1191 -14.62 -8.40 -30.76
N PHE A 1192 -14.82 -7.77 -31.93
CA PHE A 1192 -13.71 -7.52 -32.83
C PHE A 1192 -12.67 -6.61 -32.18
N PHE A 1193 -13.12 -5.48 -31.61
CA PHE A 1193 -12.18 -4.56 -31.01
C PHE A 1193 -11.45 -5.20 -29.84
N LYS A 1194 -12.13 -6.01 -29.04
CA LYS A 1194 -11.48 -6.69 -27.93
C LYS A 1194 -10.47 -7.73 -28.43
N PHE A 1195 -10.80 -8.43 -29.51
CA PHE A 1195 -9.89 -9.43 -30.03
C PHE A 1195 -8.65 -8.80 -30.63
N PHE A 1196 -8.75 -7.57 -31.12
CA PHE A 1196 -7.62 -6.99 -31.83
C PHE A 1196 -6.80 -5.98 -31.02
N PHE A 1197 -7.36 -5.34 -29.99
CA PHE A 1197 -6.62 -4.28 -29.32
C PHE A 1197 -6.75 -4.32 -27.80
N MET A 1198 -6.98 -5.49 -27.21
CA MET A 1198 -7.20 -5.52 -25.76
C MET A 1198 -5.90 -5.54 -24.98
N ASP A 1199 -5.09 -6.59 -25.16
CA ASP A 1199 -3.94 -6.83 -24.31
C ASP A 1199 -2.69 -6.22 -24.89
N ASP A 1200 -1.94 -5.51 -24.06
CA ASP A 1200 -0.67 -4.94 -24.50
C ASP A 1200 0.42 -6.02 -24.50
N LYS A 1201 1.43 -5.80 -25.32
CA LYS A 1201 2.47 -6.80 -25.48
C LYS A 1201 3.36 -6.85 -24.25
N PRO A 1202 3.68 -8.03 -23.73
CA PRO A 1202 4.62 -8.13 -22.61
C PRO A 1202 6.01 -7.72 -23.04
N SER A 1203 6.85 -7.46 -22.04
CA SER A 1203 8.20 -7.00 -22.30
C SER A 1203 9.08 -8.11 -22.87
N ASP A 1204 10.29 -7.75 -23.25
CA ASP A 1204 11.22 -8.70 -23.85
C ASP A 1204 11.88 -9.62 -22.84
N ILE A 1205 11.66 -9.40 -21.55
CA ILE A 1205 12.27 -10.25 -20.52
C ILE A 1205 11.39 -11.41 -20.10
N SER A 1206 10.07 -11.30 -20.28
CA SER A 1206 9.15 -12.32 -19.81
C SER A 1206 8.84 -13.33 -20.91
N VAL A 1207 9.89 -13.99 -21.40
CA VAL A 1207 9.77 -15.05 -22.39
C VAL A 1207 10.43 -16.31 -21.84
N GLN A 1208 10.03 -17.45 -22.40
CA GLN A 1208 10.49 -18.75 -21.95
C GLN A 1208 11.17 -19.44 -23.12
N GLN A 1209 12.48 -19.68 -22.99
CA GLN A 1209 13.24 -20.34 -24.04
C GLN A 1209 14.59 -20.75 -23.50
N VAL A 1210 15.08 -21.91 -23.94
CA VAL A 1210 16.40 -22.40 -23.56
C VAL A 1210 16.84 -23.43 -24.60
N LYS A 1211 18.15 -23.61 -24.73
CA LYS A 1211 18.69 -24.55 -25.70
C LYS A 1211 19.66 -25.52 -25.04
O1' LMT B . -13.16 16.20 -7.31
C1 LMT B . -13.58 15.29 -8.28
C2 LMT B . -13.73 16.08 -9.55
C3 LMT B . -14.89 15.76 -10.41
C4 LMT B . -15.15 16.91 -11.34
C5 LMT B . -16.27 16.60 -12.27
C6 LMT B . -17.36 17.57 -12.22
C7 LMT B . -17.00 18.74 -13.03
C8 LMT B . -17.55 18.58 -14.37
C9 LMT B . -17.68 19.83 -15.13
C10 LMT B . -19.08 19.89 -15.62
C11 LMT B . -19.32 21.10 -16.40
C12 LMT B . -20.64 21.03 -17.04
H12 LMT B . -14.39 14.83 -8.08
H11 LMT B . -12.93 14.58 -8.38
H22 LMT B . -13.78 17.01 -9.32
H21 LMT B . -12.94 15.98 -10.06
H32 LMT B . -15.68 15.57 -9.89
H31 LMT B . -14.73 14.97 -10.91
H42 LMT B . -14.35 17.12 -11.82
H41 LMT B . -15.34 17.70 -10.86
H52 LMT B . -16.61 15.73 -12.07
H51 LMT B . -15.94 16.58 -13.15
H62 LMT B . -17.53 17.83 -11.34
H61 LMT B . -18.17 17.19 -12.53
H72 LMT B . -16.07 18.83 -13.07
H71 LMT B . -17.32 19.54 -12.63
H82 LMT B . -18.38 18.18 -14.31
H81 LMT B . -17.01 17.99 -14.85
H92 LMT B . -17.07 19.87 -15.86
H91 LMT B . -17.49 20.57 -14.61
H102 LMT B . -19.66 19.85 -14.91
H101 LMT B . -19.27 19.13 -16.13
H112 LMT B . -18.64 21.19 -17.05
H111 LMT B . -19.27 21.84 -15.83
H123 LMT B . -20.78 21.79 -17.62
H122 LMT B . -21.34 21.02 -16.40
H121 LMT B . -20.71 20.24 -17.57
O1' LMT C . -10.06 25.39 -9.95
C1 LMT C . -11.41 25.79 -10.01
C2 LMT C . -11.41 26.87 -11.02
C3 LMT C . -12.67 27.63 -11.13
C4 LMT C . -13.69 26.68 -11.66
C5 LMT C . -14.94 27.41 -11.98
C6 LMT C . -15.22 27.41 -13.44
C7 LMT C . -16.12 26.27 -13.77
C8 LMT C . -17.49 26.79 -13.92
C9 LMT C . -18.43 25.86 -14.58
C10 LMT C . -19.61 26.65 -15.06
C11 LMT C . -19.37 27.17 -16.44
C12 LMT C . -20.19 28.38 -16.72
H12 LMT C . -11.78 26.11 -9.19
H11 LMT C . -11.97 25.07 -10.25
H22 LMT C . -11.20 26.49 -11.87
H21 LMT C . -10.71 27.47 -10.80
H32 LMT C . -12.59 28.38 -11.70
H31 LMT C . -12.94 27.95 -10.29
H42 LMT C . -13.85 26.01 -11.02
H41 LMT C . -13.35 26.24 -12.43
H52 LMT C . -14.87 28.30 -11.67
H51 LMT C . -15.66 27.02 -11.52
H62 LMT C . -14.42 27.34 -13.94
H61 LMT C . -15.61 28.23 -13.70
H72 LMT C . -16.10 25.61 -13.09
H71 LMT C . -15.84 25.83 -14.57
H82 LMT C . -17.47 27.60 -14.43
H81 LMT C . -17.83 27.05 -13.07
H92 LMT C . -18.71 25.16 -13.98
H91 LMT C . -18.01 25.41 -15.30
H102 LMT C . -19.76 27.38 -14.47
H101 LMT C . -20.40 26.12 -15.03
H112 LMT C . -19.58 26.49 -17.06
H111 LMT C . -18.45 27.38 -16.54
H123 LMT C . -21.07 28.31 -16.35
H122 LMT C . -20.29 28.52 -17.68
H121 LMT C . -19.78 29.17 -16.35
O1' LMT D . -39.49 29.91 -16.49
C1 LMT D . -38.57 28.96 -16.94
C2 LMT D . -37.36 29.16 -16.11
C3 LMT D . -36.10 28.61 -16.64
C4 LMT D . -35.06 28.98 -15.67
C5 LMT D . -33.94 28.04 -15.64
C6 LMT D . -32.83 28.49 -16.43
C7 LMT D . -31.60 27.89 -15.96
C8 LMT D . -30.58 28.41 -16.82
C9 LMT D . -29.19 27.96 -16.57
C10 LMT D . -28.72 28.48 -15.26
C11 LMT D . -27.29 28.10 -14.97
C12 LMT D . -26.30 28.60 -15.95
H12 LMT D . -38.34 29.04 -17.87
H11 LMT D . -38.91 28.08 -16.86
H22 LMT D . -37.52 28.77 -15.26
H21 LMT D . -37.25 30.08 -15.94
H32 LMT D . -35.91 28.93 -17.50
H31 LMT D . -36.16 27.68 -16.73
H42 LMT D . -35.45 29.06 -14.82
H41 LMT D . -34.74 29.83 -15.90
H52 LMT D . -34.20 27.22 -15.93
H51 LMT D . -33.66 27.92 -14.75
H62 LMT D . -32.77 29.40 -16.41
H61 LMT D . -32.96 28.29 -17.31
H72 LMT D . -31.66 26.98 -16.01
H71 LMT D . -31.46 28.11 -15.07
H82 LMT D . -30.61 29.32 -16.79
H81 LMT D . -30.80 28.20 -17.70
H92 LMT D . -28.62 28.24 -17.27
H91 LMT D . -29.17 27.04 -16.59
H102 LMT D . -29.28 28.17 -14.57
H101 LMT D . -28.81 29.42 -15.24
H112 LMT D . -27.24 27.17 -14.91
H111 LMT D . -27.06 28.42 -14.11
H123 LMT D . -26.54 28.38 -16.85
H122 LMT D . -25.44 28.23 -15.80
H121 LMT D . -26.23 29.55 -15.90
O1' LMT E . -41.74 29.52 -12.17
C1 LMT E . -41.20 29.34 -10.88
C2 LMT E . -39.89 30.04 -10.92
C3 LMT E . -38.97 29.80 -9.79
C4 LMT E . -37.70 30.51 -10.12
C5 LMT E . -36.58 30.10 -9.27
C6 LMT E . -35.37 29.87 -10.06
C7 LMT E . -34.33 29.27 -9.20
C8 LMT E . -33.18 28.89 -10.04
C9 LMT E . -32.15 28.14 -9.30
C10 LMT E . -31.50 27.24 -10.26
C11 LMT E . -30.21 26.77 -9.76
C12 LMT E . -30.29 26.43 -8.34
H12 LMT E . -41.08 28.42 -10.62
H11 LMT E . -41.78 29.72 -10.21
H22 LMT E . -40.06 30.97 -10.97
H21 LMT E . -39.44 29.81 -11.73
H32 LMT E . -38.80 28.88 -9.64
H31 LMT E . -39.32 30.14 -8.97
H42 LMT E . -37.83 31.44 -10.05
H41 LMT E . -37.47 30.36 -11.04
H52 LMT E . -36.82 29.31 -8.79
H51 LMT E . -36.43 30.78 -8.61
H62 LMT E . -35.05 30.68 -10.45
H61 LMT E . -35.55 29.30 -10.80
H72 LMT E . -34.67 28.51 -8.74
H71 LMT E . -34.07 29.88 -8.52
H82 LMT E . -32.80 29.66 -10.43
H81 LMT E . -33.48 28.36 -10.76
H92 LMT E . -32.52 27.65 -8.58
H91 LMT E . -31.52 28.72 -8.91
H102 LMT E . -31.39 27.67 -11.08
H101 LMT E . -32.06 26.52 -10.44
H112 LMT E . -29.58 27.44 -9.90
H111 LMT E . -29.95 26.02 -10.26
H123 LMT E . -31.10 25.98 -8.13
H122 LMT E . -30.28 27.23 -7.79
H121 LMT E . -29.56 25.88 -8.07
O1' LMT F . -25.07 25.86 5.84
C1 LMT F . -23.97 25.37 5.11
C2 LMT F . -24.53 24.27 4.26
C3 LMT F . -23.81 24.01 2.99
C4 LMT F . -24.75 23.30 2.07
C5 LMT F . -24.32 23.50 0.67
C6 LMT F . -25.14 22.75 -0.31
C7 LMT F . -26.05 23.66 -1.02
C8 LMT F . -26.55 22.99 -2.21
C9 LMT F . -27.49 23.82 -2.99
C10 LMT F . -27.07 23.75 -4.41
C11 LMT F . -27.82 24.68 -5.29
C12 LMT F . -29.27 24.45 -5.27
H12 LMT F . -23.52 26.02 4.57
H11 LMT F . -23.28 25.07 5.71
H22 LMT F . -24.53 23.47 4.78
H21 LMT F . -25.44 24.47 4.08
H32 LMT F . -23.03 23.48 3.13
H31 LMT F . -23.50 24.81 2.59
H42 LMT F . -25.63 23.62 2.19
H41 LMT F . -24.79 22.37 2.28
H52 LMT F . -23.41 23.24 0.59
H51 LMT F . -24.34 24.43 0.47
H62 LMT F . -25.63 22.07 0.12
H61 LMT F . -24.59 22.29 -0.94
H72 LMT F . -25.60 24.46 -1.24
H71 LMT F . -26.76 23.90 -0.44
H82 LMT F . -26.97 22.20 -1.95
H81 LMT F . -25.83 22.71 -2.75
H92 LMT F . -27.49 24.71 -2.69
H91 LMT F . -28.38 23.52 -2.88
H102 LMT F . -27.17 22.89 -4.72
H101 LMT F . -26.14 23.91 -4.47
H112 LMT F . -27.49 24.58 -6.18
H111 LMT F . -27.63 25.56 -5.04
H123 LMT F . -29.71 24.90 -5.99
H122 LMT F . -29.67 24.76 -4.44
H121 LMT F . -29.46 23.51 -5.35
O1' LMT G . -15.27 26.85 3.94
C1 LMT G . -16.29 27.82 3.98
C2 LMT G . -17.32 27.31 3.06
C3 LMT G . -18.38 28.27 2.65
C4 LMT G . -19.66 27.51 2.59
C5 LMT G . -20.71 28.34 1.96
C6 LMT G . -22.07 27.80 2.20
C7 LMT G . -23.06 28.50 1.33
C8 LMT G . -24.20 27.63 0.95
C9 LMT G . -25.41 28.39 0.57
C10 LMT G . -26.61 27.52 0.63
C11 LMT G . -27.78 28.28 0.13
C12 LMT G . -28.88 27.37 -0.30
H12 LMT G . -16.01 28.70 3.72
H11 LMT G . -16.62 27.93 4.88
H22 LMT G . -17.75 26.55 3.47
H21 LMT G . -16.89 26.96 2.28
H32 LMT G . -18.20 28.67 1.81
H31 LMT G . -18.45 28.99 3.27
H42 LMT G . -19.93 27.25 3.48
H41 LMT G . -19.53 26.70 2.11
H52 LMT G . -20.54 28.40 1.02
H51 LMT G . -20.64 29.23 2.29
H62 LMT G . -22.32 27.90 3.13
H61 LMT G . -22.11 26.85 2.04
H72 LMT G . -22.62 28.82 0.55
H71 LMT G . -23.37 29.28 1.79
H82 LMT G . -24.41 27.05 1.67
H81 LMT G . -23.95 27.06 0.22
H92 LMT G . -25.34 28.73 -0.30
H91 LMT G . -25.53 29.14 1.13
H102 LMT G . -26.75 27.24 1.50
H101 LMT G . -26.45 26.74 0.10
H112 LMT G . -27.50 28.81 -0.60
H111 LMT G . -28.08 28.87 0.82
H123 LMT G . -29.46 27.80 -0.93
H122 LMT G . -29.42 27.09 0.46
H121 LMT G . -28.51 26.58 -0.71
O1' LMT H . -27.27 20.80 7.33
C1 LMT H . -26.21 20.43 6.48
C2 LMT H . -26.87 20.08 5.18
C3 LMT H . -28.19 19.42 5.28
C4 LMT H . -28.38 18.54 4.07
C5 LMT H . -28.34 19.34 2.83
C6 LMT H . -29.32 18.86 1.83
C7 LMT H . -29.47 19.88 0.76
C8 LMT H . -30.58 19.50 -0.13
C9 LMT H . -31.20 20.64 -0.83
C10 LMT H . -32.15 20.10 -1.88
C11 LMT H . -32.40 21.05 -3.00
C12 LMT H . -33.29 20.47 -4.02
H12 LMT H . -25.69 19.69 6.80
H11 LMT H . -25.58 21.14 6.39
H22 LMT H . -26.28 19.51 4.68
H21 LMT H . -26.96 20.88 4.66
H32 LMT H . -28.91 20.06 5.35
H31 LMT H . -28.26 18.88 6.08
H42 LMT H . -29.23 18.07 4.14
H41 LMT H . -27.72 17.86 4.05
H52 LMT H . -27.46 19.29 2.46
H51 LMT H . -28.49 20.26 3.03
H62 LMT H . -30.16 18.67 2.24
H61 LMT H . -29.04 18.03 1.46
H72 LMT H . -28.66 19.95 0.27
H71 LMT H . -29.60 20.74 1.14
H82 LMT H . -31.23 19.05 0.39
H81 LMT H . -30.26 18.86 -0.75
H92 LMT H . -30.54 21.20 -1.23
H91 LMT H . -31.65 21.21 -0.22
H102 LMT H . -32.97 19.87 -1.47
H101 LMT H . -31.80 19.27 -2.22
H112 LMT H . -31.58 21.28 -3.41
H111 LMT H . -32.79 21.85 -2.66
H123 LMT H . -33.35 21.03 -4.79
H122 LMT H . -34.19 20.37 -3.69
H121 LMT H . -32.98 19.62 -4.30
O1B LMT I . -8.74 19.72 -6.20
C1' LMT I . -11.69 21.04 -8.79
C2' LMT I . -10.45 21.94 -8.65
C3' LMT I . -9.30 21.20 -7.96
C4' LMT I . -9.76 20.57 -6.65
C5' LMT I . -10.98 19.71 -7.02
C6' LMT I . -11.49 18.82 -5.90
O1' LMT I . -12.76 21.75 -9.24
O2' LMT I . -10.03 22.28 -9.90
O3' LMT I . -8.28 22.06 -7.71
O5' LMT I . -12.02 20.51 -7.51
O6' LMT I . -11.65 19.61 -4.81
C1 LMT I . -13.47 21.11 -10.29
C2 LMT I . -14.51 22.08 -10.74
C3 LMT I . -15.89 21.56 -10.79
C4 LMT I . -16.82 22.67 -11.14
C5 LMT I . -18.19 22.38 -10.65
C6 LMT I . -19.20 22.71 -11.66
C7 LMT I . -20.54 22.85 -11.05
C8 LMT I . -21.32 23.74 -11.92
C9 LMT I . -22.72 24.01 -11.55
C10 LMT I . -22.78 24.50 -10.13
C11 LMT I . -23.59 25.73 -9.98
C12 LMT I . -24.73 25.54 -9.05
H1' LMT I . -11.43 20.30 -9.37
H2' LMT I . -10.70 22.68 -8.09
H3' LMT I . -9.07 20.48 -8.54
H4' LMT I . -10.00 21.26 -6.03
H5' LMT I . -10.65 19.11 -7.71
H6D LMT I . -12.30 18.39 -6.19
H6E LMT I . -10.89 18.07 -5.78
H2O2 LMT I . -9.19 22.13 -9.90
H3O2 LMT I . -7.92 21.76 -6.99
H6' LMT I . -12.11 19.15 -4.27
H12 LMT I . -13.88 20.28 -10.03
H11 LMT I . -12.88 20.87 -10.99
H22 LMT I . -14.27 22.38 -11.62
H21 LMT I . -14.48 22.85 -10.19
H32 LMT I . -16.15 21.16 -9.97
H31 LMT I . -15.97 20.87 -11.45
H42 LMT I . -16.81 22.83 -12.07
H41 LMT I . -16.50 23.48 -10.75
H52 LMT I . -18.36 22.86 -9.86
H51 LMT I . -18.26 21.45 -10.42
H62 LMT I . -19.22 22.05 -12.32
H61 LMT I . -18.97 23.50 -12.12
H72 LMT I . -20.47 23.20 -10.20
H71 LMT I . -20.97 22.02 -10.95
H82 LMT I . -21.31 23.38 -12.79
H81 LMT I . -20.87 24.56 -12.02
H92 LMT I . -23.23 23.24 -11.65
H91 LMT I . -23.09 24.63 -12.14
H102 LMT I . -21.93 24.65 -9.82
H101 LMT I . -23.13 23.81 -9.58
H112 LMT I . -23.92 26.00 -10.82
H111 LMT I . -23.05 26.44 -9.66
H123 LMT I . -25.40 25.00 -9.44
H122 LMT I . -25.13 26.37 -8.81
H121 LMT I . -24.44 25.11 -8.25
O1' LMT J . -42.57 25.23 -11.07
C1 LMT J . -42.33 24.84 -9.75
C2 LMT J . -41.10 25.56 -9.36
C3 LMT J . -40.36 25.02 -8.19
C4 LMT J . -38.92 25.40 -8.37
C5 LMT J . -38.05 24.71 -7.39
C6 LMT J . -36.63 24.79 -7.78
C7 LMT J . -35.76 24.54 -6.60
C8 LMT J . -35.36 25.85 -6.02
C9 LMT J . -34.27 25.78 -4.99
C10 LMT J . -33.96 27.19 -4.53
C11 LMT J . -32.51 27.36 -4.20
C12 LMT J . -32.26 28.46 -3.23
H12 LMT J . -42.22 23.89 -9.63
H11 LMT J . -43.07 25.06 -9.18
H22 LMT J . -41.32 26.47 -9.17
H21 LMT J . -40.52 25.58 -10.10
H32 LMT J . -40.45 24.08 -8.12
H31 LMT J . -40.69 25.38 -7.37
H42 LMT J . -38.82 26.34 -8.31
H41 LMT J . -38.63 25.19 -9.25
H52 LMT J . -38.31 23.80 -7.30
H51 LMT J . -38.18 25.11 -6.53
H62 LMT J . -36.45 25.63 -8.17
H61 LMT J . -36.44 24.17 -8.45
H72 LMT J . -35.00 24.03 -6.87
H71 LMT J . -36.22 24.01 -5.98
H82 LMT J . -36.13 26.27 -5.62
H81 LMT J . -35.08 26.44 -6.71
H92 LMT J . -33.48 25.36 -5.33
H91 LMT J . -34.54 25.23 -4.24
H102 LMT J . -34.50 27.41 -3.77
H101 LMT J . -34.23 27.82 -5.21
H112 LMT J . -32.03 27.53 -5.02
H111 LMT J . -32.16 26.53 -3.86
H123 LMT J . -31.33 28.72 -3.21
H122 LMT J . -32.49 28.20 -2.32
H121 LMT J . -32.79 29.24 -3.45
O1' LMT K . -40.67 13.27 -43.36
C1 LMT K . -39.65 12.40 -42.96
C2 LMT K . -38.84 13.16 -41.94
C3 LMT K . -37.80 12.38 -41.22
C4 LMT K . -37.11 13.23 -40.18
C5 LMT K . -35.96 12.45 -39.60
C6 LMT K . -35.43 12.98 -38.32
C7 LMT K . -34.36 12.11 -37.82
C8 LMT K . -33.60 12.82 -36.80
C9 LMT K . -32.42 12.09 -36.28
C10 LMT K . -31.52 13.06 -35.59
C11 LMT K . -30.45 12.41 -34.75
C12 LMT K . -29.85 13.37 -33.79
H12 LMT K . -39.10 12.09 -43.67
H11 LMT K . -40.02 11.58 -42.60
H22 LMT K . -39.43 13.54 -41.28
H21 LMT K . -38.43 13.90 -42.37
H32 LMT K . -37.15 12.04 -41.83
H31 LMT K . -38.16 11.61 -40.80
H42 LMT K . -37.73 13.49 -39.51
H41 LMT K . -36.81 14.04 -40.57
H52 LMT K . -35.25 12.40 -40.24
H51 LMT K . -36.22 11.55 -39.48
H62 LMT K . -36.11 13.04 -37.69
H61 LMT K . -35.12 13.85 -38.42
H72 LMT K . -33.80 11.83 -38.52
H71 LMT K . -34.74 11.34 -37.46
H82 LMT K . -34.17 13.02 -36.11
H81 LMT K . -33.33 13.64 -37.14
H92 LMT K . -31.98 11.64 -36.98
H91 LMT K . -32.68 11.41 -35.70
H102 LMT K . -32.02 13.63 -35.06
H101 LMT K . -31.12 13.64 -36.24
H112 LMT K . -29.78 12.06 -35.31
H111 LMT K . -30.81 11.67 -34.28
H123 LMT K . -29.38 12.91 -33.09
H122 LMT K . -30.50 13.92 -33.37
H121 LMT K . -29.22 13.95 -34.22
O1B LMT L . -32.99 3.30 -45.38
C1' LMT L . -30.88 5.57 -42.85
C2' LMT L . -30.66 4.11 -42.58
C3' LMT L . -31.22 3.30 -43.76
C4' LMT L . -32.68 3.72 -44.07
C5' LMT L . -32.75 5.25 -44.07
C6' LMT L . -34.12 5.76 -44.33
O1' LMT L . -30.34 6.31 -41.85
O2' LMT L . -29.32 3.93 -42.45
O3' LMT L . -31.15 1.95 -43.51
O5' LMT L . -32.27 5.79 -42.88
O6' LMT L . -33.97 7.08 -44.60
C1 LMT L . -29.24 7.06 -42.25
C2 LMT L . -28.17 6.70 -41.29
C3 LMT L . -27.31 7.81 -40.86
C4 LMT L . -26.38 7.30 -39.82
C5 LMT L . -25.09 6.99 -40.40
C6 LMT L . -24.07 6.79 -39.35
C7 LMT L . -23.66 8.10 -38.81
C8 LMT L . -22.82 7.89 -37.63
C9 LMT L . -21.54 8.58 -37.64
C10 LMT L . -21.11 8.67 -36.23
C11 LMT L . -19.64 8.83 -36.05
C12 LMT L . -19.32 8.94 -34.63
H1' LMT L . -30.51 5.77 -43.70
H2' LMT L . -31.15 3.88 -41.80
H3' LMT L . -30.72 3.58 -44.52
H4' LMT L . -33.27 3.39 -43.40
H5' LMT L . -32.22 5.52 -44.83
H6D LMT L . -34.50 5.24 -45.04
H6E LMT L . -34.68 5.54 -43.59
H2O2 LMT L . -29.06 4.55 -41.96
H3O2 LMT L . -30.60 1.87 -42.86
H6' LMT L . -33.29 7.33 -44.14
H12 LMT L . -29.37 8.00 -42.25
H11 LMT L . -28.98 6.86 -43.14
H22 LMT L . -27.61 6.04 -41.70
H21 LMT L . -28.56 6.28 -40.55
H32 LMT L . -27.81 8.54 -40.52
H31 LMT L . -26.81 8.17 -41.58
H42 LMT L . -26.76 6.55 -39.40
H41 LMT L . -26.29 7.96 -39.14
H52 LMT L . -24.82 7.69 -40.96
H51 LMT L . -25.17 6.21 -40.94
H62 LMT L . -23.33 6.30 -39.68
H61 LMT L . -24.42 6.26 -38.66
H72 LMT L . -24.41 8.61 -38.58
H71 LMT L . -23.19 8.59 -39.45
H82 LMT L . -22.68 6.96 -37.52
H81 LMT L . -23.31 8.17 -36.87
H92 LMT L . -21.61 9.45 -38.04
H91 LMT L . -20.90 8.12 -38.18
H102 LMT L . -21.39 7.90 -35.76
H101 LMT L . -21.57 9.38 -35.79
H112 LMT L . -19.35 9.60 -36.51
H111 LMT L . -19.18 8.09 -36.43
H123 LMT L . -18.48 9.37 -34.51
H122 LMT L . -19.27 8.09 -34.21
H121 LMT L . -19.99 9.46 -34.17
O1' LMT M . -33.62 12.85 -43.29
C1 LMT M . -32.87 11.97 -42.50
C2 LMT M . -31.62 12.73 -42.15
C3 LMT M . -30.58 11.96 -41.42
C4 LMT M . -29.75 12.92 -40.64
C5 LMT M . -28.71 12.19 -39.87
C6 LMT M . -28.31 12.91 -38.65
C7 LMT M . -27.31 12.12 -37.90
C8 LMT M . -26.47 13.02 -37.11
C9 LMT M . -25.34 12.37 -36.38
C10 LMT M . -24.69 13.42 -35.55
C11 LMT M . -23.59 12.88 -34.70
C12 LMT M . -22.34 13.67 -34.78
H12 LMT M . -32.64 11.13 -42.93
H11 LMT M . -33.36 11.69 -41.72
H22 LMT M . -31.87 13.48 -41.62
H21 LMT M . -31.25 13.08 -42.95
H32 LMT M . -30.03 11.47 -42.02
H31 LMT M . -30.97 11.34 -40.84
H42 LMT M . -30.30 13.44 -40.06
H41 LMT M . -29.35 13.55 -41.22
H52 LMT M . -27.96 12.04 -40.41
H51 LMT M . -29.03 11.33 -39.65
H62 LMT M . -29.06 13.09 -38.10
H61 LMT M . -27.96 13.76 -38.85
H72 LMT M . -26.80 11.59 -38.51
H71 LMT M . -27.75 11.49 -37.35
H82 LMT M . -27.01 13.47 -36.49
H81 LMT M . -26.12 13.69 -37.68
H92 LMT M . -24.73 11.98 -36.99
H91 LMT M . -25.66 11.65 -35.86
H102 LMT M . -25.34 13.84 -35.00
H101 LMT M . -24.35 14.11 -36.11
H112 LMT M . -23.43 11.98 -34.96
H111 LMT M . -23.89 12.84 -33.79
H123 LMT M . -21.59 13.20 -34.42
H122 LMT M . -22.42 14.49 -34.29
H121 LMT M . -22.13 13.89 -35.70
#